data_3OU7
#
_entry.id   3OU7
#
_cell.length_a   167.286
_cell.length_b   167.286
_cell.length_c   168.403
_cell.angle_alpha   90.00
_cell.angle_beta   90.00
_cell.angle_gamma   120.00
#
_symmetry.space_group_name_H-M   'P 61 2 2'
#
loop_
_entity.id
_entity.type
_entity.pdbx_description
1 polymer 'SAM-dependent methyltransferase'
2 non-polymer S-ADENOSYLMETHIONINE
3 non-polymer 'SULFATE ION'
4 non-polymer '(2-hydroxyethyl)phosphonic acid'
5 water water
#
_entity_poly.entity_id   1
_entity_poly.type   'polypeptide(L)'
_entity_poly.pdbx_seq_one_letter_code
;MTTSHGLIESQLSYYRARASEYDATFVPYMDSAAPAALERLRAGNIRGDVLELASGTGYWTRHLSGLADRVTALDGSAEM
IAEAGRHGLDNVEFRQQDLFDWTPDRQWDAVFFAHWLAHVPDDRFEAFWESVRSAVAPGGVVEFVDVTDHERRLEQQDDS
EPEVAVRRTLQDGRSFRIVKVFRSPAELTERLTALGWSCSVDEVHPGFLYATCRPGPR
;
_entity_poly.pdbx_strand_id   A,B,C,D
#
# COMPACT_ATOMS: atom_id res chain seq x y z
N THR A 2 -15.23 -16.78 15.91
CA THR A 2 -16.16 -17.88 15.45
C THR A 2 -17.39 -17.28 14.77
N THR A 3 -17.70 -17.75 13.57
CA THR A 3 -18.93 -17.32 12.92
C THR A 3 -20.01 -18.40 13.05
N SER A 4 -21.16 -18.04 13.64
CA SER A 4 -22.22 -19.06 13.88
C SER A 4 -22.70 -19.69 12.59
N HIS A 5 -23.13 -20.93 12.75
CA HIS A 5 -23.66 -21.64 11.65
C HIS A 5 -24.99 -20.96 11.25
N GLY A 6 -25.62 -20.25 12.16
CA GLY A 6 -26.87 -19.61 11.83
C GLY A 6 -26.71 -18.42 10.89
N LEU A 7 -25.63 -17.65 11.05
CA LEU A 7 -25.24 -16.65 10.04
C LEU A 7 -25.03 -17.25 8.68
N ILE A 8 -24.28 -18.34 8.60
CA ILE A 8 -24.03 -19.02 7.33
C ILE A 8 -25.35 -19.55 6.68
N GLU A 9 -26.26 -20.12 7.49
CA GLU A 9 -27.48 -20.59 6.86
C GLU A 9 -28.30 -19.37 6.39
N SER A 10 -28.28 -18.31 7.20
CA SER A 10 -29.07 -17.13 6.84
C SER A 10 -28.64 -16.52 5.47
N GLN A 11 -27.32 -16.54 5.24
CA GLN A 11 -26.75 -15.98 4.06
C GLN A 11 -27.15 -16.77 2.87
N LEU A 12 -27.05 -18.09 2.94
CA LEU A 12 -27.50 -18.86 1.80
C LEU A 12 -29.03 -18.74 1.54
N SER A 13 -29.86 -18.71 2.58
CA SER A 13 -31.33 -18.55 2.35
C SER A 13 -31.58 -17.16 1.78
N TYR A 14 -30.84 -16.15 2.22
CA TYR A 14 -31.04 -14.82 1.63
C TYR A 14 -30.85 -14.96 0.13
N TYR A 15 -29.80 -15.63 -0.26
CA TYR A 15 -29.58 -15.63 -1.69
C TYR A 15 -30.61 -16.50 -2.39
N ARG A 16 -30.97 -17.61 -1.75
CA ARG A 16 -32.05 -18.46 -2.31
C ARG A 16 -33.32 -17.66 -2.64
N ALA A 17 -33.80 -16.91 -1.66
CA ALA A 17 -35.00 -16.14 -1.80
C ALA A 17 -34.79 -14.94 -2.74
N ARG A 18 -33.55 -14.43 -2.81
CA ARG A 18 -33.30 -13.21 -3.61
C ARG A 18 -33.16 -13.54 -5.09
N ALA A 19 -32.84 -14.78 -5.37
CA ALA A 19 -32.45 -15.18 -6.72
C ALA A 19 -33.34 -14.67 -7.86
N SER A 20 -34.66 -14.68 -7.67
CA SER A 20 -35.58 -14.26 -8.74
C SER A 20 -35.63 -12.71 -8.93
N GLU A 21 -35.28 -11.93 -7.91
CA GLU A 21 -35.19 -10.49 -8.05
C GLU A 21 -33.71 -10.01 -8.04
N TYR A 22 -32.77 -10.91 -8.18
CA TYR A 22 -31.36 -10.58 -7.91
C TYR A 22 -30.82 -9.54 -8.90
N ASP A 23 -31.01 -9.81 -10.19
CA ASP A 23 -30.63 -8.94 -11.27
C ASP A 23 -31.26 -7.57 -11.29
N ALA A 24 -32.34 -7.35 -10.55
CA ALA A 24 -32.96 -6.03 -10.42
C ALA A 24 -32.02 -5.03 -9.73
N THR A 25 -31.08 -5.55 -8.94
CA THR A 25 -30.14 -4.72 -8.18
C THR A 25 -28.67 -5.17 -8.37
N PHE A 26 -28.42 -6.44 -8.65
CA PHE A 26 -27.05 -6.88 -8.87
C PHE A 26 -26.13 -6.53 -7.69
N VAL A 27 -24.83 -6.36 -7.91
CA VAL A 27 -23.88 -5.95 -6.84
C VAL A 27 -23.67 -4.48 -7.01
N PRO A 28 -23.89 -3.72 -5.94
CA PRO A 28 -23.85 -2.25 -6.07
C PRO A 28 -22.51 -1.80 -6.69
N TYR A 29 -22.66 -1.02 -7.77
CA TYR A 29 -21.61 -0.33 -8.50
C TYR A 29 -20.72 -1.27 -9.28
N MET A 30 -20.99 -2.57 -9.21
CA MET A 30 -20.28 -3.49 -10.10
C MET A 30 -20.38 -3.05 -11.56
N ASP A 31 -21.54 -2.50 -11.96
CA ASP A 31 -21.67 -2.08 -13.38
C ASP A 31 -20.66 -0.93 -13.69
N SER A 32 -20.27 -0.14 -12.68
CA SER A 32 -19.21 0.93 -12.90
C SER A 32 -17.79 0.40 -13.06
N ALA A 33 -17.54 -0.73 -12.38
CA ALA A 33 -16.21 -1.34 -12.23
C ALA A 33 -15.98 -2.44 -13.26
N ALA A 34 -17.02 -2.84 -14.00
CA ALA A 34 -16.89 -4.02 -14.86
C ALA A 34 -15.81 -3.88 -15.99
N PRO A 35 -15.76 -2.73 -16.69
CA PRO A 35 -14.74 -2.66 -17.78
C PRO A 35 -13.31 -2.79 -17.19
N ALA A 36 -13.05 -2.14 -16.05
CA ALA A 36 -11.79 -2.28 -15.36
C ALA A 36 -11.55 -3.74 -14.95
N ALA A 37 -12.56 -4.42 -14.42
CA ALA A 37 -12.35 -5.83 -14.01
C ALA A 37 -12.11 -6.75 -15.25
N LEU A 38 -12.85 -6.43 -16.32
CA LEU A 38 -12.79 -7.12 -17.59
C LEU A 38 -11.38 -7.06 -18.23
N GLU A 39 -10.69 -5.95 -18.06
CA GLU A 39 -9.29 -5.86 -18.52
C GLU A 39 -8.41 -6.94 -17.89
N ARG A 40 -8.64 -7.19 -16.60
CA ARG A 40 -8.00 -8.32 -16.00
C ARG A 40 -8.60 -9.65 -16.45
N LEU A 41 -9.92 -9.78 -16.38
CA LEU A 41 -10.48 -11.09 -16.75
C LEU A 41 -10.04 -11.52 -18.18
N ARG A 42 -9.89 -10.58 -19.11
CA ARG A 42 -9.53 -10.89 -20.50
C ARG A 42 -8.02 -10.98 -20.70
N ALA A 43 -7.23 -10.95 -19.62
CA ALA A 43 -5.77 -11.01 -19.75
C ALA A 43 -5.24 -12.41 -20.18
N GLY A 44 -6.12 -13.41 -20.28
CA GLY A 44 -5.69 -14.66 -20.84
C GLY A 44 -5.59 -15.85 -19.90
N ASN A 45 -5.80 -15.68 -18.61
CA ASN A 45 -5.67 -16.83 -17.76
C ASN A 45 -6.95 -17.66 -17.65
N ILE A 46 -8.08 -17.12 -18.11
CA ILE A 46 -9.35 -17.83 -18.01
C ILE A 46 -9.46 -18.53 -19.33
N ARG A 47 -9.22 -19.85 -19.34
CA ARG A 47 -9.18 -20.60 -20.61
C ARG A 47 -9.19 -22.07 -20.28
N GLY A 48 -9.41 -22.89 -21.30
CA GLY A 48 -9.47 -24.35 -21.14
C GLY A 48 -10.70 -24.75 -20.34
N ASP A 49 -10.49 -25.52 -19.28
CA ASP A 49 -11.58 -25.97 -18.44
C ASP A 49 -11.61 -25.12 -17.21
N VAL A 50 -12.72 -24.43 -16.99
CA VAL A 50 -12.77 -23.38 -15.96
C VAL A 50 -13.81 -23.75 -14.89
N LEU A 51 -13.44 -23.59 -13.63
CA LEU A 51 -14.41 -23.70 -12.54
C LEU A 51 -14.91 -22.33 -12.02
N GLU A 52 -16.21 -22.07 -11.92
CA GLU A 52 -16.64 -20.78 -11.35
C GLU A 52 -17.32 -21.11 -10.06
N LEU A 53 -17.00 -20.43 -8.97
CA LEU A 53 -17.65 -20.72 -7.71
C LEU A 53 -18.64 -19.59 -7.39
N ALA A 54 -19.76 -19.95 -6.77
CA ALA A 54 -20.83 -18.97 -6.49
C ALA A 54 -21.30 -18.20 -7.75
N SER A 55 -21.62 -18.92 -8.83
CA SER A 55 -22.03 -18.27 -10.07
C SER A 55 -23.37 -17.50 -10.11
N GLY A 56 -24.26 -17.68 -9.11
CA GLY A 56 -25.43 -16.80 -8.94
C GLY A 56 -26.33 -16.87 -10.17
N THR A 57 -26.79 -15.70 -10.62
CA THR A 57 -27.54 -15.68 -11.85
C THR A 57 -26.75 -15.71 -13.12
N GLY A 58 -25.44 -15.95 -13.06
CA GLY A 58 -24.66 -16.12 -14.26
C GLY A 58 -24.06 -14.90 -14.97
N TYR A 59 -24.01 -13.75 -14.33
CA TYR A 59 -23.40 -12.58 -14.97
C TYR A 59 -21.96 -12.86 -15.41
N TRP A 60 -21.14 -13.41 -14.51
CA TRP A 60 -19.76 -13.68 -14.87
C TRP A 60 -19.69 -14.93 -15.73
N THR A 61 -20.66 -15.83 -15.51
CA THR A 61 -20.65 -17.09 -16.23
C THR A 61 -20.73 -16.84 -17.73
N ARG A 62 -21.50 -15.81 -18.10
CA ARG A 62 -21.53 -15.41 -19.53
C ARG A 62 -20.15 -15.10 -20.07
N HIS A 63 -19.33 -14.38 -19.31
CA HIS A 63 -18.03 -13.99 -19.82
C HIS A 63 -17.18 -15.20 -19.80
N LEU A 64 -17.29 -16.01 -18.74
CA LEU A 64 -16.42 -17.17 -18.65
C LEU A 64 -16.77 -18.07 -19.83
N SER A 65 -18.05 -18.18 -20.13
CA SER A 65 -18.41 -19.05 -21.22
C SER A 65 -17.81 -18.64 -22.59
N GLY A 66 -17.72 -17.36 -22.90
CA GLY A 66 -17.05 -16.99 -24.18
C GLY A 66 -15.52 -17.16 -24.16
N LEU A 67 -14.91 -17.23 -22.99
CA LEU A 67 -13.46 -17.32 -22.92
C LEU A 67 -12.97 -18.74 -22.83
N ALA A 68 -13.77 -19.62 -22.25
CA ALA A 68 -13.32 -20.98 -21.98
C ALA A 68 -13.88 -22.00 -22.98
N ASP A 69 -13.20 -23.14 -23.14
CA ASP A 69 -13.83 -24.33 -23.73
C ASP A 69 -15.06 -24.83 -22.94
N ARG A 70 -14.84 -25.21 -21.67
CA ARG A 70 -15.91 -25.75 -20.82
C ARG A 70 -15.95 -24.97 -19.51
N VAL A 71 -17.15 -24.68 -19.01
CA VAL A 71 -17.25 -24.11 -17.65
C VAL A 71 -18.03 -25.04 -16.69
N THR A 72 -17.49 -25.26 -15.49
CA THR A 72 -18.28 -25.90 -14.42
C THR A 72 -18.60 -24.83 -13.41
N ALA A 73 -19.88 -24.65 -13.12
CA ALA A 73 -20.29 -23.51 -12.29
C ALA A 73 -21.08 -24.03 -11.10
N LEU A 74 -20.55 -23.81 -9.88
CA LEU A 74 -21.15 -24.28 -8.62
C LEU A 74 -21.83 -23.16 -7.89
N ASP A 75 -23.05 -23.36 -7.43
CA ASP A 75 -23.71 -22.40 -6.54
C ASP A 75 -24.47 -23.15 -5.44
N GLY A 76 -24.63 -22.53 -4.29
CA GLY A 76 -25.34 -23.27 -3.25
C GLY A 76 -26.84 -23.28 -3.49
N SER A 77 -27.35 -22.47 -4.42
CA SER A 77 -28.79 -22.27 -4.60
C SER A 77 -29.36 -22.77 -5.95
N ALA A 78 -30.29 -23.74 -5.87
CA ALA A 78 -30.89 -24.31 -7.10
C ALA A 78 -31.66 -23.20 -7.82
N GLU A 79 -32.22 -22.31 -7.03
CA GLU A 79 -32.92 -21.17 -7.60
C GLU A 79 -31.97 -20.34 -8.48
N MET A 80 -30.76 -20.08 -7.98
CA MET A 80 -29.81 -19.24 -8.69
C MET A 80 -29.49 -20.01 -9.95
N ILE A 81 -29.31 -21.31 -9.78
CA ILE A 81 -28.94 -22.12 -10.93
C ILE A 81 -30.05 -22.04 -11.99
N ALA A 82 -31.31 -22.13 -11.58
CA ALA A 82 -32.42 -21.95 -12.56
C ALA A 82 -32.36 -20.61 -13.31
N GLU A 83 -32.15 -19.49 -12.61
CA GLU A 83 -32.01 -18.19 -13.27
C GLU A 83 -30.86 -18.18 -14.25
N ALA A 84 -29.71 -18.74 -13.85
CA ALA A 84 -28.55 -18.69 -14.75
C ALA A 84 -28.83 -19.51 -16.03
N GLY A 85 -29.69 -20.53 -15.89
CA GLY A 85 -29.99 -21.42 -17.00
C GLY A 85 -30.61 -20.65 -18.14
N ARG A 86 -31.26 -19.54 -17.83
CA ARG A 86 -31.92 -18.77 -18.88
C ARG A 86 -30.97 -18.17 -19.93
N HIS A 87 -29.65 -18.21 -19.73
CA HIS A 87 -28.76 -17.50 -20.63
C HIS A 87 -28.42 -18.43 -21.78
N GLY A 88 -28.78 -19.69 -21.64
CA GLY A 88 -28.57 -20.65 -22.73
C GLY A 88 -27.14 -20.90 -23.12
N LEU A 89 -26.24 -20.99 -22.13
CA LEU A 89 -24.79 -21.08 -22.41
C LEU A 89 -24.50 -22.52 -22.70
N ASP A 90 -24.14 -22.86 -23.92
CA ASP A 90 -23.93 -24.26 -24.31
C ASP A 90 -22.83 -25.00 -23.59
N ASN A 91 -21.76 -24.33 -23.21
CA ASN A 91 -20.59 -25.06 -22.74
C ASN A 91 -20.44 -25.04 -21.24
N VAL A 92 -21.56 -24.86 -20.53
CA VAL A 92 -21.58 -24.65 -19.08
C VAL A 92 -22.45 -25.70 -18.38
N GLU A 93 -21.89 -26.38 -17.36
CA GLU A 93 -22.63 -27.26 -16.48
C GLU A 93 -22.77 -26.64 -15.11
N PHE A 94 -23.99 -26.51 -14.61
CA PHE A 94 -24.20 -26.07 -13.23
C PHE A 94 -24.32 -27.21 -12.21
N ARG A 95 -23.73 -27.06 -11.03
CA ARG A 95 -23.97 -28.03 -9.98
C ARG A 95 -24.31 -27.32 -8.66
N GLN A 96 -25.31 -27.84 -7.94
CA GLN A 96 -25.60 -27.26 -6.63
C GLN A 96 -24.53 -27.74 -5.69
N GLN A 97 -23.97 -26.89 -4.85
CA GLN A 97 -22.87 -27.30 -3.98
C GLN A 97 -22.76 -26.28 -2.90
N ASP A 98 -22.71 -26.78 -1.67
CA ASP A 98 -22.50 -25.94 -0.55
C ASP A 98 -21.01 -25.75 -0.45
N LEU A 99 -20.54 -24.49 -0.55
CA LEU A 99 -19.11 -24.24 -0.65
C LEU A 99 -18.40 -24.30 0.70
N PHE A 100 -19.13 -24.32 1.81
CA PHE A 100 -18.49 -24.54 3.12
C PHE A 100 -18.36 -26.01 3.47
N ASP A 101 -18.78 -26.88 2.56
CA ASP A 101 -18.74 -28.33 2.76
C ASP A 101 -18.32 -28.99 1.47
N TRP A 102 -17.10 -28.74 1.04
CA TRP A 102 -16.76 -29.02 -0.33
C TRP A 102 -15.36 -29.57 -0.51
N THR A 103 -15.33 -30.75 -1.11
CA THR A 103 -14.09 -31.43 -1.43
C THR A 103 -14.07 -31.73 -2.90
N PRO A 104 -13.39 -30.90 -3.72
CA PRO A 104 -13.44 -31.20 -5.17
C PRO A 104 -12.87 -32.58 -5.48
N ASP A 105 -13.14 -33.09 -6.68
CA ASP A 105 -12.56 -34.41 -7.04
C ASP A 105 -11.89 -34.36 -8.43
N ARG A 106 -11.91 -33.17 -9.01
CA ARG A 106 -11.30 -32.87 -10.28
C ARG A 106 -10.32 -31.70 -10.07
N GLN A 107 -9.74 -31.27 -11.17
CA GLN A 107 -8.90 -30.07 -11.21
C GLN A 107 -9.29 -29.34 -12.48
N TRP A 108 -9.04 -28.05 -12.50
CA TRP A 108 -9.39 -27.25 -13.65
C TRP A 108 -8.20 -26.35 -13.94
N ASP A 109 -8.15 -25.80 -15.15
CA ASP A 109 -7.12 -24.87 -15.56
C ASP A 109 -7.21 -23.49 -14.89
N ALA A 110 -8.44 -23.10 -14.53
CA ALA A 110 -8.62 -21.84 -13.85
C ALA A 110 -9.84 -21.94 -12.94
N VAL A 111 -9.76 -21.24 -11.81
CA VAL A 111 -10.90 -21.10 -10.94
C VAL A 111 -11.17 -19.59 -10.82
N PHE A 112 -12.45 -19.21 -10.93
CA PHE A 112 -12.84 -17.83 -10.85
C PHE A 112 -14.05 -17.68 -9.90
N PHE A 113 -14.09 -16.62 -9.10
CA PHE A 113 -15.31 -16.20 -8.37
C PHE A 113 -15.37 -14.69 -8.31
N ALA A 114 -16.60 -14.14 -8.38
CA ALA A 114 -16.85 -12.70 -8.23
C ALA A 114 -17.72 -12.49 -6.98
N HIS A 115 -17.31 -11.58 -6.11
CA HIS A 115 -18.04 -11.27 -4.90
C HIS A 115 -18.44 -12.46 -4.04
N TRP A 116 -17.63 -13.49 -3.98
CA TRP A 116 -17.89 -14.62 -3.10
C TRP A 116 -17.03 -14.50 -1.83
N LEU A 117 -15.74 -14.16 -2.01
CA LEU A 117 -14.83 -14.17 -0.90
C LEU A 117 -15.29 -13.30 0.26
N ALA A 118 -15.91 -12.13 0.03
CA ALA A 118 -16.36 -11.31 1.19
C ALA A 118 -17.49 -11.94 2.07
N HIS A 119 -18.04 -13.06 1.60
CA HIS A 119 -19.11 -13.80 2.29
C HIS A 119 -18.54 -15.05 3.00
N VAL A 120 -17.21 -15.16 2.96
CA VAL A 120 -16.45 -16.18 3.65
C VAL A 120 -15.89 -15.58 4.89
N PRO A 121 -16.40 -16.02 6.05
CA PRO A 121 -15.81 -15.44 7.28
C PRO A 121 -14.39 -15.90 7.63
N ASP A 122 -13.71 -15.15 8.49
CA ASP A 122 -12.31 -15.48 8.83
C ASP A 122 -12.18 -16.90 9.23
N ASP A 123 -13.16 -17.44 9.96
CA ASP A 123 -12.93 -18.74 10.55
C ASP A 123 -13.18 -19.81 9.50
N ARG A 124 -13.59 -19.46 8.28
CA ARG A 124 -13.68 -20.50 7.27
C ARG A 124 -12.80 -20.29 6.10
N PHE A 125 -12.02 -19.23 6.15
CA PHE A 125 -11.29 -18.74 5.04
C PHE A 125 -10.26 -19.80 4.65
N GLU A 126 -9.58 -20.31 5.66
CA GLU A 126 -8.53 -21.27 5.41
C GLU A 126 -8.98 -22.63 4.84
N ALA A 127 -10.06 -23.22 5.39
CA ALA A 127 -10.50 -24.47 4.78
C ALA A 127 -11.05 -24.20 3.38
N PHE A 128 -11.66 -23.02 3.17
CA PHE A 128 -12.15 -22.74 1.83
C PHE A 128 -10.99 -22.72 0.85
N TRP A 129 -9.92 -22.00 1.21
CA TRP A 129 -8.77 -21.90 0.33
C TRP A 129 -7.94 -23.20 0.15
N GLU A 130 -8.00 -24.12 1.12
CA GLU A 130 -7.49 -25.48 0.89
C GLU A 130 -8.24 -26.22 -0.17
N SER A 131 -9.56 -26.13 -0.20
CA SER A 131 -10.27 -26.83 -1.25
C SER A 131 -10.02 -26.19 -2.60
N VAL A 132 -9.97 -24.85 -2.65
CA VAL A 132 -9.67 -24.20 -3.93
C VAL A 132 -8.30 -24.71 -4.38
N ARG A 133 -7.32 -24.70 -3.48
CA ARG A 133 -6.00 -25.17 -3.84
C ARG A 133 -6.05 -26.55 -4.45
N SER A 134 -6.88 -27.44 -3.93
CA SER A 134 -6.86 -28.76 -4.52
C SER A 134 -7.65 -28.75 -5.86
N ALA A 135 -8.51 -27.77 -6.05
CA ALA A 135 -9.22 -27.66 -7.34
C ALA A 135 -8.39 -27.16 -8.52
N VAL A 136 -7.25 -26.51 -8.31
CA VAL A 136 -6.47 -25.96 -9.43
C VAL A 136 -5.43 -26.90 -10.04
N ALA A 137 -5.52 -27.17 -11.34
CA ALA A 137 -4.51 -27.99 -11.99
C ALA A 137 -3.11 -27.37 -11.92
N PRO A 138 -2.07 -28.19 -12.15
CA PRO A 138 -0.69 -27.64 -12.34
C PRO A 138 -0.66 -26.62 -13.47
N GLY A 139 -0.04 -25.47 -13.23
CA GLY A 139 -0.01 -24.38 -14.22
C GLY A 139 -1.19 -23.39 -14.20
N GLY A 140 -2.22 -23.71 -13.39
CA GLY A 140 -3.47 -22.90 -13.36
C GLY A 140 -3.46 -21.73 -12.40
N VAL A 141 -4.48 -20.90 -12.51
CA VAL A 141 -4.58 -19.80 -11.58
C VAL A 141 -5.95 -19.76 -10.91
N VAL A 142 -6.03 -18.94 -9.86
CA VAL A 142 -7.32 -18.54 -9.31
C VAL A 142 -7.43 -17.02 -9.49
N GLU A 143 -8.56 -16.58 -10.03
CA GLU A 143 -8.82 -15.14 -10.16
C GLU A 143 -10.15 -14.82 -9.48
N PHE A 144 -10.24 -13.63 -8.91
CA PHE A 144 -11.48 -13.24 -8.36
C PHE A 144 -11.59 -11.71 -8.29
N VAL A 145 -12.83 -11.28 -8.24
CA VAL A 145 -13.26 -9.89 -8.08
C VAL A 145 -13.94 -9.76 -6.72
N ASP A 146 -13.80 -8.60 -6.09
CA ASP A 146 -14.52 -8.36 -4.85
C ASP A 146 -14.51 -6.91 -4.52
N VAL A 147 -15.26 -6.56 -3.48
CA VAL A 147 -15.22 -5.22 -2.95
C VAL A 147 -13.84 -5.07 -2.33
N THR A 148 -13.37 -3.83 -2.16
CA THR A 148 -12.19 -3.63 -1.32
C THR A 148 -12.28 -2.39 -0.46
N ASP A 149 -11.37 -2.20 0.47
CA ASP A 149 -11.29 -0.94 1.18
C ASP A 149 -9.89 -0.41 1.01
N HIS A 150 -9.74 0.85 1.32
CA HIS A 150 -8.42 1.38 1.32
C HIS A 150 -7.66 0.77 2.50
N GLU A 151 -6.36 0.69 2.32
CA GLU A 151 -5.52 -0.06 3.18
C GLU A 151 -5.56 0.41 4.62
N ARG A 152 -5.85 1.69 4.87
CA ARG A 152 -5.70 2.23 6.22
C ARG A 152 -6.98 2.16 7.08
N ARG A 153 -8.08 1.74 6.46
CA ARG A 153 -9.41 1.93 7.07
C ARG A 153 -9.53 1.10 8.34
N LEU A 154 -9.02 -0.13 8.25
CA LEU A 154 -9.07 -1.07 9.37
C LEU A 154 -8.44 -0.47 10.61
N GLU A 155 -7.27 0.20 10.45
CA GLU A 155 -6.65 0.81 11.63
C GLU A 155 -7.34 2.08 12.06
N GLN A 156 -7.87 2.81 11.09
CA GLN A 156 -8.64 3.97 11.49
C GLN A 156 -9.80 3.58 12.45
N GLN A 157 -10.44 2.45 12.20
CA GLN A 157 -11.61 2.01 12.92
C GLN A 157 -11.12 1.39 14.25
N ASP A 158 -10.04 0.62 14.16
CA ASP A 158 -9.41 0.02 15.33
C ASP A 158 -10.42 -0.81 16.21
N ASP A 159 -11.04 -1.83 15.65
CA ASP A 159 -12.04 -2.59 16.37
C ASP A 159 -11.44 -3.94 16.70
N SER A 160 -11.34 -4.31 17.97
CA SER A 160 -10.81 -5.66 18.22
C SER A 160 -11.86 -6.74 18.05
N GLU A 161 -13.12 -6.38 17.88
CA GLU A 161 -14.01 -7.49 17.56
C GLU A 161 -14.92 -7.15 16.36
N PRO A 162 -14.35 -7.21 15.16
CA PRO A 162 -15.02 -6.59 14.02
C PRO A 162 -16.35 -7.31 13.71
N GLU A 163 -17.36 -6.53 13.34
CA GLU A 163 -18.68 -7.00 12.84
C GLU A 163 -18.52 -7.70 11.53
N VAL A 164 -18.65 -9.02 11.53
CA VAL A 164 -18.65 -9.83 10.32
C VAL A 164 -19.91 -9.55 9.45
N ALA A 165 -21.01 -9.15 10.07
CA ALA A 165 -22.34 -9.25 9.42
C ALA A 165 -23.00 -7.92 9.01
N VAL A 166 -23.84 -7.99 7.98
CA VAL A 166 -24.71 -6.87 7.67
C VAL A 166 -26.11 -7.41 7.43
N ARG A 167 -27.09 -6.52 7.52
CA ARG A 167 -28.46 -6.94 7.36
C ARG A 167 -29.07 -6.38 6.06
N ARG A 168 -29.65 -7.27 5.27
CA ARG A 168 -30.32 -6.97 4.04
C ARG A 168 -31.85 -7.17 4.16
N THR A 169 -32.58 -6.58 3.20
CA THR A 169 -34.02 -6.61 3.13
C THR A 169 -34.44 -6.88 1.67
N LEU A 170 -35.28 -7.90 1.43
CA LEU A 170 -35.80 -8.20 0.07
C LEU A 170 -36.95 -7.27 -0.30
N GLN A 171 -37.35 -7.34 -1.58
CA GLN A 171 -38.54 -6.58 -2.05
C GLN A 171 -39.72 -6.82 -1.13
N ASP A 172 -40.04 -8.09 -0.83
CA ASP A 172 -41.20 -8.33 0.03
C ASP A 172 -40.98 -7.99 1.52
N GLY A 173 -39.85 -7.35 1.90
CA GLY A 173 -39.65 -6.98 3.32
C GLY A 173 -38.97 -8.05 4.24
N ARG A 174 -38.69 -9.23 3.71
CA ARG A 174 -37.94 -10.19 4.55
C ARG A 174 -36.54 -9.74 4.81
N SER A 175 -36.10 -9.91 6.06
CA SER A 175 -34.81 -9.38 6.56
C SER A 175 -33.82 -10.53 6.83
N PHE A 176 -32.59 -10.43 6.34
CA PHE A 176 -31.59 -11.50 6.53
C PHE A 176 -30.23 -10.88 6.85
N ARG A 177 -29.53 -11.48 7.80
CA ARG A 177 -28.16 -11.09 8.00
C ARG A 177 -27.28 -11.92 7.09
N ILE A 178 -26.20 -11.32 6.55
CA ILE A 178 -25.16 -12.08 5.80
C ILE A 178 -23.76 -11.70 6.25
N VAL A 179 -22.76 -12.46 5.79
CA VAL A 179 -21.37 -12.14 5.98
C VAL A 179 -20.93 -11.10 4.91
N LYS A 180 -20.29 -10.03 5.37
CA LYS A 180 -19.69 -9.05 4.47
C LYS A 180 -18.40 -8.49 5.09
N VAL A 181 -17.28 -9.17 4.84
CA VAL A 181 -15.92 -8.72 5.28
C VAL A 181 -15.19 -8.06 4.09
N PHE A 182 -15.06 -6.76 4.19
CA PHE A 182 -14.19 -6.00 3.30
C PHE A 182 -12.72 -6.29 3.61
N ARG A 183 -11.95 -6.86 2.69
CA ARG A 183 -10.52 -7.06 2.89
C ARG A 183 -9.67 -6.25 1.86
N SER A 184 -8.72 -5.44 2.31
CA SER A 184 -7.79 -4.70 1.44
C SER A 184 -6.91 -5.58 0.56
N PRO A 185 -6.42 -5.02 -0.53
CA PRO A 185 -5.46 -5.89 -1.29
C PRO A 185 -4.29 -6.35 -0.45
N ALA A 186 -3.68 -5.46 0.34
CA ALA A 186 -2.49 -5.89 1.19
C ALA A 186 -2.85 -6.96 2.23
N GLU A 187 -3.97 -6.82 2.89
CA GLU A 187 -4.35 -7.82 3.88
C GLU A 187 -4.63 -9.12 3.21
N LEU A 188 -5.29 -9.10 2.05
CA LEU A 188 -5.50 -10.39 1.34
C LEU A 188 -4.20 -11.03 0.88
N THR A 189 -3.37 -10.25 0.18
CA THR A 189 -2.03 -10.69 -0.24
C THR A 189 -1.24 -11.35 0.92
N GLU A 190 -1.16 -10.65 2.04
CA GLU A 190 -0.47 -11.20 3.19
C GLU A 190 -1.06 -12.49 3.67
N ARG A 191 -2.38 -12.56 3.80
CA ARG A 191 -2.92 -13.81 4.28
C ARG A 191 -2.77 -14.94 3.30
N LEU A 192 -2.95 -14.68 2.01
CA LEU A 192 -2.89 -15.78 1.08
C LEU A 192 -1.45 -16.19 0.91
N THR A 193 -0.52 -15.22 0.98
CA THR A 193 0.90 -15.56 0.93
C THR A 193 1.26 -16.52 2.08
N ALA A 194 0.69 -16.33 3.26
CA ALA A 194 0.99 -17.26 4.35
C ALA A 194 0.38 -18.66 4.19
N LEU A 195 -0.58 -18.82 3.28
CA LEU A 195 -1.11 -20.14 3.03
C LEU A 195 -0.45 -20.75 1.83
N GLY A 196 0.69 -20.17 1.42
CA GLY A 196 1.48 -20.74 0.32
C GLY A 196 1.10 -20.20 -1.08
N TRP A 197 0.25 -19.17 -1.22
CA TRP A 197 -0.07 -18.64 -2.57
C TRP A 197 0.82 -17.46 -2.95
N SER A 198 1.08 -17.26 -4.26
CA SER A 198 1.64 -16.01 -4.80
C SER A 198 0.53 -15.19 -5.49
N CYS A 199 0.39 -13.95 -5.08
CA CYS A 199 -0.83 -13.20 -5.38
C CYS A 199 -0.55 -11.85 -5.97
N SER A 200 -1.27 -11.50 -7.04
CA SER A 200 -1.29 -10.12 -7.48
C SER A 200 -2.68 -9.57 -7.28
N VAL A 201 -2.85 -8.71 -6.29
CA VAL A 201 -4.16 -8.24 -5.95
C VAL A 201 -4.16 -6.73 -6.11
N ASP A 202 -5.12 -6.19 -6.87
CA ASP A 202 -5.06 -4.77 -7.15
C ASP A 202 -6.46 -4.16 -7.11
N GLU A 203 -6.55 -2.92 -6.63
CA GLU A 203 -7.81 -2.16 -6.77
C GLU A 203 -7.86 -1.68 -8.17
N VAL A 204 -8.82 -2.14 -8.96
CA VAL A 204 -8.83 -1.81 -10.36
C VAL A 204 -9.87 -0.69 -10.62
N HIS A 205 -10.68 -0.36 -9.62
CA HIS A 205 -11.65 0.71 -9.76
C HIS A 205 -12.04 1.08 -8.32
N PRO A 206 -12.44 2.33 -8.07
CA PRO A 206 -12.64 2.59 -6.62
C PRO A 206 -13.69 1.65 -5.96
N GLY A 207 -13.33 0.99 -4.86
CA GLY A 207 -14.23 0.06 -4.17
C GLY A 207 -14.19 -1.39 -4.65
N PHE A 208 -13.37 -1.70 -5.65
CA PHE A 208 -13.29 -3.05 -6.21
C PHE A 208 -11.82 -3.54 -6.40
N LEU A 209 -11.58 -4.83 -6.19
CA LEU A 209 -10.29 -5.35 -6.49
C LEU A 209 -10.42 -6.53 -7.45
N TYR A 210 -9.29 -6.86 -8.08
CA TYR A 210 -9.19 -8.08 -8.88
C TYR A 210 -7.90 -8.75 -8.38
N ALA A 211 -7.90 -10.09 -8.20
CA ALA A 211 -6.74 -10.90 -7.74
C ALA A 211 -6.44 -12.04 -8.70
N THR A 212 -5.14 -12.33 -8.85
CA THR A 212 -4.67 -13.51 -9.54
C THR A 212 -3.76 -14.24 -8.55
N CYS A 213 -4.09 -15.48 -8.23
CA CYS A 213 -3.34 -16.25 -7.24
C CYS A 213 -2.91 -17.57 -7.87
N ARG A 214 -1.65 -17.91 -7.63
CA ARG A 214 -1.04 -19.07 -8.21
C ARG A 214 -0.63 -19.93 -7.03
N PRO A 215 -0.98 -21.21 -7.09
CA PRO A 215 -0.85 -22.11 -5.93
C PRO A 215 0.62 -22.54 -5.72
N HIS B 5 30.97 -4.76 10.93
CA HIS B 5 31.82 -3.95 11.85
C HIS B 5 32.80 -3.07 11.06
N GLY B 6 33.32 -3.64 9.96
CA GLY B 6 34.28 -2.92 9.07
C GLY B 6 33.54 -1.97 8.12
N LEU B 7 32.37 -2.39 7.68
CA LEU B 7 31.40 -1.60 6.95
C LEU B 7 30.94 -0.35 7.72
N ILE B 8 30.55 -0.55 8.98
CA ILE B 8 30.25 0.56 9.91
C ILE B 8 31.37 1.57 9.98
N GLU B 9 32.60 1.05 10.08
CA GLU B 9 33.80 1.90 10.28
C GLU B 9 34.04 2.66 9.01
N SER B 10 33.97 1.90 7.94
CA SER B 10 34.20 2.41 6.59
C SER B 10 33.18 3.52 6.20
N GLN B 11 31.91 3.33 6.63
CA GLN B 11 30.85 4.35 6.42
C GLN B 11 31.14 5.62 7.20
N LEU B 12 31.49 5.49 8.48
CA LEU B 12 31.80 6.68 9.27
C LEU B 12 33.03 7.41 8.65
N SER B 13 34.00 6.62 8.32
CA SER B 13 35.22 7.22 7.84
C SER B 13 34.99 7.92 6.46
N TYR B 14 34.04 7.41 5.67
CA TYR B 14 33.58 8.12 4.45
C TYR B 14 32.93 9.43 4.79
N TYR B 15 32.02 9.47 5.76
CA TYR B 15 31.47 10.77 6.03
C TYR B 15 32.53 11.73 6.66
N ARG B 16 33.47 11.22 7.49
CA ARG B 16 34.52 12.10 8.01
C ARG B 16 35.28 12.76 6.88
N ALA B 17 35.64 12.00 5.85
CA ALA B 17 36.43 12.56 4.73
C ALA B 17 35.59 13.42 3.81
N ARG B 18 34.30 13.14 3.75
CA ARG B 18 33.41 13.91 2.84
C ARG B 18 32.90 15.27 3.43
N ALA B 19 33.11 15.44 4.72
CA ALA B 19 32.50 16.57 5.43
C ALA B 19 32.80 17.96 4.84
N SER B 20 34.05 18.23 4.47
CA SER B 20 34.38 19.58 4.08
C SER B 20 33.81 19.89 2.69
N GLU B 21 33.56 18.86 1.90
CA GLU B 21 32.89 19.05 0.62
C GLU B 21 31.40 18.51 0.63
N TYR B 22 30.85 18.08 1.77
CA TYR B 22 29.54 17.41 1.72
C TYR B 22 28.42 18.32 1.24
N ASP B 23 28.42 19.57 1.66
CA ASP B 23 27.43 20.50 1.20
C ASP B 23 27.56 20.83 -0.30
N ALA B 24 28.61 20.31 -0.93
CA ALA B 24 28.83 20.67 -2.33
C ALA B 24 28.03 19.70 -3.22
N THR B 25 27.63 18.56 -2.65
CA THR B 25 26.88 17.58 -3.45
C THR B 25 25.55 17.24 -2.76
N PHE B 26 25.58 17.11 -1.44
CA PHE B 26 24.38 16.97 -0.60
C PHE B 26 23.73 15.62 -0.93
N VAL B 27 22.49 15.39 -0.52
CA VAL B 27 21.84 14.08 -0.75
C VAL B 27 21.09 14.22 -2.10
N PRO B 28 21.34 13.32 -3.05
CA PRO B 28 20.71 13.44 -4.39
C PRO B 28 19.19 13.66 -4.35
N TYR B 29 18.75 14.78 -4.90
CA TYR B 29 17.30 15.05 -5.08
C TYR B 29 16.64 15.45 -3.76
N MET B 30 17.39 15.48 -2.68
CA MET B 30 16.78 16.00 -1.49
C MET B 30 16.22 17.39 -1.75
N ASP B 31 16.90 18.20 -2.57
CA ASP B 31 16.40 19.59 -2.76
C ASP B 31 15.04 19.60 -3.49
N SER B 32 14.78 18.58 -4.31
CA SER B 32 13.46 18.46 -5.00
C SER B 32 12.40 18.19 -3.98
N ALA B 33 12.75 17.43 -2.95
CA ALA B 33 11.74 16.88 -2.01
C ALA B 33 11.53 17.72 -0.79
N ALA B 34 12.39 18.71 -0.57
CA ALA B 34 12.38 19.41 0.73
C ALA B 34 11.04 20.14 1.01
N PRO B 35 10.50 20.87 0.03
CA PRO B 35 9.22 21.56 0.35
C PRO B 35 8.16 20.54 0.83
N ALA B 36 8.16 19.34 0.24
CA ALA B 36 7.11 18.37 0.62
C ALA B 36 7.42 17.84 2.03
N ALA B 37 8.73 17.65 2.34
CA ALA B 37 9.17 17.16 3.67
C ALA B 37 8.94 18.20 4.75
N LEU B 38 9.20 19.46 4.43
CA LEU B 38 8.96 20.56 5.37
C LEU B 38 7.48 20.73 5.78
N GLU B 39 6.55 20.41 4.91
CA GLU B 39 5.11 20.44 5.29
C GLU B 39 4.83 19.53 6.47
N ARG B 40 5.48 18.37 6.51
CA ARG B 40 5.41 17.50 7.67
C ARG B 40 6.25 18.03 8.83
N LEU B 41 7.47 18.53 8.55
CA LEU B 41 8.37 18.95 9.60
C LEU B 41 7.74 20.07 10.39
N ARG B 42 7.04 20.97 9.68
CA ARG B 42 6.47 22.17 10.28
C ARG B 42 5.08 21.92 10.86
N ALA B 43 4.58 20.69 10.85
CA ALA B 43 3.20 20.45 11.31
C ALA B 43 3.02 20.61 12.83
N GLY B 44 4.14 20.79 13.58
CA GLY B 44 4.04 21.10 14.98
C GLY B 44 4.52 20.06 15.98
N ASN B 45 4.90 18.86 15.58
CA ASN B 45 5.45 17.88 16.55
C ASN B 45 6.90 18.11 16.99
N ILE B 46 7.72 18.69 16.13
CA ILE B 46 9.06 19.06 16.49
C ILE B 46 9.01 20.40 17.23
N ARG B 47 9.17 20.39 18.55
CA ARG B 47 9.11 21.59 19.31
C ARG B 47 9.71 21.23 20.67
N GLY B 48 9.97 22.20 21.54
CA GLY B 48 10.42 21.83 22.88
C GLY B 48 11.93 21.60 22.87
N ASP B 49 12.38 20.61 23.66
CA ASP B 49 13.75 20.13 23.68
C ASP B 49 13.80 19.02 22.64
N VAL B 50 14.60 19.19 21.61
CA VAL B 50 14.63 18.26 20.52
C VAL B 50 16.04 17.66 20.40
N LEU B 51 16.09 16.37 20.08
CA LEU B 51 17.28 15.61 19.78
C LEU B 51 17.33 15.32 18.25
N GLU B 52 18.45 15.65 17.63
CA GLU B 52 18.69 15.31 16.24
C GLU B 52 19.85 14.28 16.14
N LEU B 53 19.62 13.21 15.38
CA LEU B 53 20.63 12.20 15.21
C LEU B 53 21.20 12.37 13.82
N ALA B 54 22.51 12.18 13.70
CA ALA B 54 23.28 12.30 12.44
C ALA B 54 23.09 13.63 11.77
N SER B 55 23.36 14.71 12.48
CA SER B 55 23.07 16.04 11.96
C SER B 55 23.93 16.50 10.80
N GLY B 56 25.09 15.84 10.51
CA GLY B 56 25.87 16.18 9.31
C GLY B 56 26.25 17.63 9.33
N THR B 57 26.06 18.30 8.22
CA THR B 57 26.55 19.69 8.14
C THR B 57 25.46 20.63 8.63
N GLY B 58 24.33 20.06 9.03
CA GLY B 58 23.28 20.79 9.73
C GLY B 58 22.23 21.46 8.85
N TYR B 59 21.98 20.89 7.68
CA TYR B 59 20.88 21.30 6.81
C TYR B 59 19.54 21.25 7.61
N TRP B 60 19.24 20.15 8.33
CA TRP B 60 17.95 20.03 9.07
C TRP B 60 18.02 20.75 10.41
N THR B 61 19.22 20.71 10.97
CA THR B 61 19.54 21.45 12.18
C THR B 61 19.14 22.93 12.11
N ARG B 62 19.35 23.61 10.99
CA ARG B 62 18.85 24.99 10.92
C ARG B 62 17.34 25.02 11.12
N HIS B 63 16.61 24.10 10.47
CA HIS B 63 15.12 24.14 10.59
C HIS B 63 14.71 23.82 12.01
N LEU B 64 15.33 22.77 12.58
CA LEU B 64 15.00 22.36 13.98
C LEU B 64 15.26 23.56 14.91
N SER B 65 16.38 24.23 14.68
CA SER B 65 16.73 25.34 15.55
C SER B 65 15.60 26.38 15.52
N GLY B 66 15.07 26.70 14.33
CA GLY B 66 13.91 27.64 14.30
C GLY B 66 12.57 27.10 14.90
N LEU B 67 12.37 25.78 14.99
CA LEU B 67 11.12 25.23 15.53
C LEU B 67 11.20 24.90 17.02
N ALA B 68 12.40 24.67 17.52
CA ALA B 68 12.54 24.13 18.87
C ALA B 68 13.03 25.21 19.84
N ASP B 69 12.80 25.01 21.14
CA ASP B 69 13.53 25.76 22.19
C ASP B 69 15.02 25.46 22.20
N ARG B 70 15.35 24.18 22.31
CA ARG B 70 16.74 23.73 22.39
C ARG B 70 16.91 22.53 21.46
N VAL B 71 18.06 22.46 20.86
CA VAL B 71 18.43 21.29 20.07
C VAL B 71 19.75 20.65 20.60
N THR B 72 19.71 19.35 20.81
CA THR B 72 20.93 18.60 20.93
C THR B 72 21.10 17.78 19.61
N ALA B 73 22.23 17.98 18.94
CA ALA B 73 22.48 17.35 17.67
C ALA B 73 23.71 16.45 17.82
N LEU B 74 23.55 15.17 17.51
CA LEU B 74 24.64 14.23 17.63
C LEU B 74 25.12 13.78 16.25
N ASP B 75 26.43 13.70 16.07
CA ASP B 75 27.00 13.14 14.84
C ASP B 75 28.26 12.39 15.18
N GLY B 76 28.61 11.40 14.36
CA GLY B 76 29.73 10.52 14.64
C GLY B 76 31.01 11.23 14.28
N SER B 77 30.88 12.30 13.49
CA SER B 77 32.06 12.91 12.91
C SER B 77 32.30 14.36 13.35
N ALA B 78 33.48 14.60 13.93
CA ALA B 78 33.86 15.92 14.46
C ALA B 78 33.97 16.91 13.32
N GLU B 79 34.36 16.40 12.17
CA GLU B 79 34.46 17.27 10.99
C GLU B 79 33.06 17.78 10.59
N MET B 80 32.08 16.88 10.64
CA MET B 80 30.73 17.28 10.30
C MET B 80 30.31 18.35 11.28
N ILE B 81 30.66 18.12 12.53
CA ILE B 81 30.23 19.01 13.61
C ILE B 81 30.78 20.39 13.41
N ALA B 82 32.07 20.49 13.02
CA ALA B 82 32.69 21.81 12.72
C ALA B 82 32.05 22.47 11.49
N GLU B 83 31.69 21.67 10.50
CA GLU B 83 30.92 22.26 9.40
C GLU B 83 29.62 22.78 9.92
N ALA B 84 28.94 22.04 10.77
CA ALA B 84 27.62 22.54 11.16
C ALA B 84 27.69 23.86 11.95
N GLY B 85 28.83 24.15 12.61
CA GLY B 85 29.02 25.43 13.34
C GLY B 85 28.94 26.66 12.46
N ARG B 86 29.18 26.52 11.18
CA ARG B 86 28.99 27.68 10.27
C ARG B 86 27.59 28.31 10.26
N HIS B 87 26.58 27.63 10.83
CA HIS B 87 25.25 28.19 10.83
C HIS B 87 25.03 29.17 11.98
N GLY B 88 25.90 29.15 12.99
CA GLY B 88 25.79 30.12 14.08
C GLY B 88 24.50 29.95 14.89
N LEU B 89 24.05 28.73 15.04
CA LEU B 89 22.77 28.45 15.72
C LEU B 89 22.92 28.62 17.24
N ASP B 90 22.24 29.60 17.81
CA ASP B 90 22.37 29.89 19.25
C ASP B 90 21.86 28.82 20.22
N ASN B 91 20.89 28.00 19.79
CA ASN B 91 20.17 27.13 20.76
C ASN B 91 20.45 25.65 20.48
N VAL B 92 21.54 25.43 19.77
CA VAL B 92 21.97 24.09 19.47
C VAL B 92 23.31 23.69 20.13
N GLU B 93 23.34 22.49 20.68
CA GLU B 93 24.56 21.93 21.21
C GLU B 93 24.87 20.67 20.42
N PHE B 94 26.04 20.65 19.75
CA PHE B 94 26.50 19.43 19.04
C PHE B 94 27.32 18.52 19.93
N ARG B 95 27.11 17.20 19.84
CA ARG B 95 27.96 16.25 20.54
C ARG B 95 28.42 15.17 19.61
N GLN B 96 29.70 14.83 19.69
CA GLN B 96 30.20 13.75 18.86
C GLN B 96 29.75 12.38 19.38
N GLN B 97 29.15 11.54 18.56
CA GLN B 97 28.68 10.28 19.12
C GLN B 97 28.51 9.24 18.07
N ASP B 98 28.93 8.01 18.39
CA ASP B 98 28.80 6.90 17.46
C ASP B 98 27.44 6.30 17.76
N LEU B 99 26.50 6.39 16.79
CA LEU B 99 25.10 5.97 17.04
C LEU B 99 24.90 4.47 17.15
N PHE B 100 25.92 3.71 16.77
CA PHE B 100 25.84 2.26 16.92
C PHE B 100 26.31 1.80 18.27
N ASP B 101 26.84 2.71 19.09
CA ASP B 101 27.23 2.33 20.43
C ASP B 101 26.81 3.40 21.43
N TRP B 102 25.52 3.50 21.67
CA TRP B 102 24.97 4.73 22.18
C TRP B 102 23.84 4.41 23.13
N THR B 103 23.94 4.92 24.35
CA THR B 103 22.83 4.77 25.31
C THR B 103 22.46 6.15 25.74
N PRO B 104 21.26 6.63 25.37
CA PRO B 104 21.05 8.00 25.81
C PRO B 104 20.86 8.09 27.33
N ASP B 105 21.05 9.28 27.86
CA ASP B 105 21.18 9.57 29.27
C ASP B 105 19.92 10.16 29.85
N ARG B 106 19.05 10.58 28.94
CA ARG B 106 17.83 11.30 29.30
C ARG B 106 16.89 11.32 28.09
N GLN B 107 15.77 12.06 28.20
CA GLN B 107 14.69 12.02 27.20
C GLN B 107 14.47 13.40 26.54
N TRP B 108 13.85 13.44 25.37
CA TRP B 108 13.69 14.73 24.72
C TRP B 108 12.25 14.69 24.25
N ASP B 109 11.66 15.85 23.97
CA ASP B 109 10.25 15.91 23.61
C ASP B 109 10.07 15.36 22.20
N ALA B 110 11.12 15.45 21.43
CA ALA B 110 11.03 15.02 20.04
C ALA B 110 12.40 14.57 19.53
N VAL B 111 12.37 13.61 18.62
CA VAL B 111 13.60 13.11 18.03
C VAL B 111 13.45 13.15 16.49
N PHE B 112 14.49 13.65 15.81
CA PHE B 112 14.49 13.80 14.37
C PHE B 112 15.77 13.29 13.76
N PHE B 113 15.66 12.53 12.68
CA PHE B 113 16.80 12.28 11.77
C PHE B 113 16.38 12.29 10.28
N ALA B 114 17.30 12.75 9.45
CA ALA B 114 17.14 12.73 8.03
C ALA B 114 18.31 11.94 7.39
N HIS B 115 17.94 10.95 6.60
CA HIS B 115 18.85 10.17 5.81
C HIS B 115 19.84 9.41 6.64
N TRP B 116 19.43 9.03 7.84
CA TRP B 116 20.23 8.23 8.73
C TRP B 116 19.81 6.73 8.66
N LEU B 117 18.49 6.48 8.71
CA LEU B 117 18.00 5.08 8.84
C LEU B 117 18.49 4.15 7.71
N ALA B 118 18.58 4.69 6.49
CA ALA B 118 19.06 3.85 5.34
C ALA B 118 20.54 3.41 5.53
N HIS B 119 21.29 4.12 6.39
CA HIS B 119 22.67 3.72 6.74
C HIS B 119 22.77 2.80 7.96
N VAL B 120 21.61 2.36 8.48
CA VAL B 120 21.57 1.39 9.61
C VAL B 120 21.28 0.00 9.02
N PRO B 121 22.24 -0.93 9.08
CA PRO B 121 21.98 -2.24 8.52
C PRO B 121 20.99 -2.97 9.38
N ASP B 122 20.37 -3.98 8.81
CA ASP B 122 19.24 -4.70 9.48
C ASP B 122 19.61 -5.32 10.78
N ASP B 123 20.89 -5.69 10.90
CA ASP B 123 21.33 -6.40 12.06
C ASP B 123 21.61 -5.41 13.20
N ARG B 124 21.49 -4.11 12.93
CA ARG B 124 21.72 -3.13 13.97
C ARG B 124 20.42 -2.37 14.24
N PHE B 125 19.38 -2.71 13.50
CA PHE B 125 18.20 -1.86 13.38
C PHE B 125 17.44 -1.83 14.75
N GLU B 126 17.21 -3.00 15.32
CA GLU B 126 16.44 -3.14 16.55
C GLU B 126 17.18 -2.46 17.69
N ALA B 127 18.47 -2.71 17.84
CA ALA B 127 19.19 -2.05 18.94
C ALA B 127 19.18 -0.51 18.77
N PHE B 128 19.27 -0.04 17.52
CA PHE B 128 19.16 1.43 17.30
C PHE B 128 17.79 1.95 17.75
N TRP B 129 16.73 1.28 17.34
CA TRP B 129 15.44 1.73 17.79
C TRP B 129 15.17 1.56 19.30
N GLU B 130 15.87 0.60 19.96
CA GLU B 130 15.75 0.45 21.44
C GLU B 130 16.25 1.75 22.05
N SER B 131 17.38 2.24 21.56
CA SER B 131 17.91 3.44 22.12
C SER B 131 17.01 4.66 21.80
N VAL B 132 16.58 4.78 20.54
CA VAL B 132 15.72 5.89 20.15
C VAL B 132 14.56 5.88 21.12
N ARG B 133 14.03 4.70 21.34
CA ARG B 133 12.85 4.59 22.19
C ARG B 133 13.13 5.19 23.56
N SER B 134 14.25 4.79 24.15
CA SER B 134 14.60 5.28 25.46
C SER B 134 14.85 6.82 25.49
N ALA B 135 15.16 7.42 24.32
CA ALA B 135 15.34 8.85 24.31
C ALA B 135 14.02 9.62 24.21
N VAL B 136 12.90 8.94 24.02
CA VAL B 136 11.62 9.68 23.75
C VAL B 136 10.83 9.96 25.04
N ALA B 137 10.59 11.20 25.40
CA ALA B 137 9.90 11.48 26.67
C ALA B 137 8.43 11.10 26.55
N PRO B 138 7.74 10.87 27.71
CA PRO B 138 6.28 10.64 27.60
C PRO B 138 5.57 11.76 26.83
N GLY B 139 4.79 11.37 25.84
CA GLY B 139 4.14 12.35 24.97
C GLY B 139 4.94 12.77 23.73
N GLY B 140 6.16 12.25 23.57
CA GLY B 140 7.04 12.71 22.48
C GLY B 140 6.91 11.88 21.21
N VAL B 141 7.57 12.33 20.12
CA VAL B 141 7.52 11.62 18.83
C VAL B 141 8.90 11.55 18.24
N VAL B 142 9.04 10.60 17.32
CA VAL B 142 10.20 10.51 16.50
C VAL B 142 9.74 10.81 15.10
N GLU B 143 10.44 11.74 14.44
CA GLU B 143 10.15 11.97 13.03
C GLU B 143 11.40 11.76 12.26
N PHE B 144 11.26 11.17 11.06
CA PHE B 144 12.39 11.11 10.18
C PHE B 144 12.03 11.25 8.70
N VAL B 145 13.07 11.55 7.90
CA VAL B 145 13.04 11.62 6.45
C VAL B 145 14.01 10.62 5.92
N ASP B 146 13.70 9.98 4.80
CA ASP B 146 14.65 9.09 4.16
C ASP B 146 14.30 8.82 2.70
N VAL B 147 15.15 8.12 1.99
CA VAL B 147 14.83 7.63 0.68
C VAL B 147 13.73 6.59 0.89
N THR B 148 12.99 6.27 -0.18
CA THR B 148 12.19 5.09 -0.14
C THR B 148 12.11 4.37 -1.48
N ASP B 149 11.44 3.22 -1.47
CA ASP B 149 11.26 2.39 -2.65
C ASP B 149 9.76 2.22 -2.85
N HIS B 150 9.33 2.03 -4.10
CA HIS B 150 8.00 1.50 -4.41
C HIS B 150 7.89 0.18 -3.65
N GLU B 151 6.72 -0.08 -3.12
CA GLU B 151 6.51 -1.14 -2.21
C GLU B 151 6.65 -2.56 -2.80
N ARG B 152 6.53 -2.71 -4.11
CA ARG B 152 6.61 -4.06 -4.70
C ARG B 152 8.02 -4.49 -5.18
N ARG B 153 8.98 -3.57 -5.08
CA ARG B 153 10.30 -3.78 -5.67
C ARG B 153 11.02 -4.97 -5.02
N LEU B 154 10.98 -5.00 -3.70
CA LEU B 154 11.68 -6.00 -2.91
C LEU B 154 11.28 -7.38 -3.44
N GLU B 155 10.00 -7.57 -3.72
CA GLU B 155 9.55 -8.90 -4.16
C GLU B 155 9.84 -9.12 -5.64
N GLN B 156 9.77 -8.05 -6.43
CA GLN B 156 10.20 -8.17 -7.84
C GLN B 156 11.66 -8.61 -7.94
N GLN B 157 12.50 -8.03 -7.09
CA GLN B 157 13.90 -8.43 -7.04
C GLN B 157 14.00 -9.88 -6.52
N ASP B 158 13.29 -10.18 -5.44
CA ASP B 158 13.31 -11.53 -4.82
C ASP B 158 14.74 -12.06 -4.49
N ASP B 159 15.48 -11.28 -3.70
CA ASP B 159 16.85 -11.61 -3.34
C ASP B 159 16.86 -12.14 -1.90
N SER B 160 17.18 -13.40 -1.70
CA SER B 160 17.19 -13.86 -0.30
C SER B 160 18.47 -13.45 0.48
N GLU B 161 19.49 -12.92 -0.21
CA GLU B 161 20.65 -12.35 0.51
C GLU B 161 20.95 -10.93 0.07
N PRO B 162 20.11 -10.00 0.49
CA PRO B 162 20.32 -8.60 0.08
C PRO B 162 21.78 -8.16 0.34
N GLU B 163 22.50 -7.71 -0.67
CA GLU B 163 23.83 -7.16 -0.41
C GLU B 163 23.59 -5.73 -0.01
N VAL B 164 24.07 -5.32 1.14
CA VAL B 164 23.60 -4.05 1.65
C VAL B 164 24.58 -2.90 1.46
N ALA B 165 25.76 -3.21 0.92
CA ALA B 165 26.82 -2.23 0.82
C ALA B 165 26.82 -1.55 -0.56
N VAL B 166 27.26 -0.30 -0.66
CA VAL B 166 27.42 0.31 -1.93
C VAL B 166 28.76 0.99 -1.87
N ARG B 167 29.37 1.20 -3.01
CA ARG B 167 30.64 1.89 -3.00
C ARG B 167 30.56 3.34 -3.48
N ARG B 168 31.24 4.21 -2.74
CA ARG B 168 31.28 5.62 -3.02
C ARG B 168 32.73 6.08 -3.20
N THR B 169 32.93 7.03 -4.10
CA THR B 169 34.27 7.54 -4.41
C THR B 169 34.35 9.06 -4.31
N LEU B 170 35.24 9.59 -3.48
CA LEU B 170 35.33 11.04 -3.27
C LEU B 170 35.95 11.83 -4.44
N GLN B 171 36.19 13.11 -4.25
CA GLN B 171 36.82 13.79 -5.33
C GLN B 171 38.27 13.42 -5.47
N ASP B 172 39.02 13.59 -4.40
CA ASP B 172 40.39 13.06 -4.39
C ASP B 172 40.57 11.61 -4.95
N GLY B 173 39.52 10.94 -5.41
CA GLY B 173 39.66 9.54 -5.84
C GLY B 173 39.51 8.40 -4.79
N ARG B 174 39.56 8.75 -3.50
CA ARG B 174 39.41 7.75 -2.43
C ARG B 174 38.01 7.11 -2.46
N SER B 175 37.93 5.82 -2.12
CA SER B 175 36.72 5.04 -2.34
C SER B 175 36.28 4.35 -1.02
N PHE B 176 34.98 4.21 -0.76
CA PHE B 176 34.51 3.75 0.58
C PHE B 176 33.31 2.85 0.44
N ARG B 177 33.19 1.80 1.22
CA ARG B 177 31.93 1.06 1.25
C ARG B 177 31.03 1.64 2.36
N ILE B 178 29.76 1.83 2.04
CA ILE B 178 28.76 2.26 3.02
C ILE B 178 27.55 1.34 3.01
N VAL B 179 26.67 1.50 4.02
CA VAL B 179 25.35 0.91 4.04
C VAL B 179 24.32 1.82 3.30
N LYS B 180 23.44 1.20 2.53
CA LYS B 180 22.39 1.94 1.86
C LYS B 180 21.26 0.98 1.59
N VAL B 181 20.35 0.86 2.56
CA VAL B 181 19.19 -0.01 2.51
C VAL B 181 17.92 0.82 2.23
N PHE B 182 17.29 0.65 1.08
CA PHE B 182 16.02 1.34 0.78
C PHE B 182 14.90 0.52 1.45
N ARG B 183 13.98 1.14 2.17
CA ARG B 183 12.94 0.39 2.85
C ARG B 183 11.68 1.14 2.54
N SER B 184 10.67 0.43 2.02
CA SER B 184 9.36 1.02 1.69
C SER B 184 8.54 1.51 2.89
N PRO B 185 7.58 2.41 2.69
CA PRO B 185 6.79 2.84 3.86
C PRO B 185 6.12 1.65 4.56
N ALA B 186 5.61 0.69 3.78
CA ALA B 186 4.93 -0.48 4.38
C ALA B 186 5.87 -1.36 5.16
N GLU B 187 7.07 -1.53 4.68
CA GLU B 187 8.05 -2.33 5.35
C GLU B 187 8.50 -1.68 6.64
N LEU B 188 8.72 -0.36 6.65
CA LEU B 188 9.12 0.28 7.89
C LEU B 188 7.98 0.25 8.88
N THR B 189 6.78 0.49 8.40
CA THR B 189 5.59 0.45 9.26
C THR B 189 5.48 -0.92 9.95
N GLU B 190 5.60 -1.98 9.16
CA GLU B 190 5.46 -3.32 9.70
C GLU B 190 6.56 -3.64 10.74
N ARG B 191 7.82 -3.31 10.41
CA ARG B 191 8.93 -3.61 11.33
C ARG B 191 8.89 -2.78 12.65
N LEU B 192 8.59 -1.48 12.57
CA LEU B 192 8.47 -0.61 13.73
C LEU B 192 7.25 -0.90 14.57
N THR B 193 6.14 -1.28 13.94
CA THR B 193 4.94 -1.73 14.65
C THR B 193 5.24 -2.97 15.54
N ALA B 194 6.01 -3.93 15.01
CA ALA B 194 6.36 -5.11 15.76
C ALA B 194 7.33 -4.76 16.92
N LEU B 195 7.94 -3.57 16.86
CA LEU B 195 8.79 -3.06 17.93
C LEU B 195 7.99 -2.11 18.87
N GLY B 196 6.68 -2.05 18.67
CA GLY B 196 5.82 -1.34 19.61
C GLY B 196 5.49 0.12 19.22
N TRP B 197 5.84 0.54 17.98
CA TRP B 197 5.57 1.96 17.64
C TRP B 197 4.25 2.14 16.92
N SER B 198 3.61 3.30 17.06
CA SER B 198 2.49 3.60 16.17
C SER B 198 3.01 4.57 15.11
N CYS B 199 2.86 4.22 13.83
CA CYS B 199 3.65 4.86 12.75
C CYS B 199 2.80 5.32 11.57
N SER B 200 2.98 6.59 11.20
CA SER B 200 2.49 7.11 9.95
C SER B 200 3.66 7.41 9.05
N VAL B 201 3.91 6.50 8.10
CA VAL B 201 5.02 6.62 7.16
C VAL B 201 4.45 6.86 5.77
N ASP B 202 4.86 7.94 5.11
CA ASP B 202 4.27 8.29 3.85
C ASP B 202 5.35 8.70 2.87
N GLU B 203 5.18 8.26 1.64
CA GLU B 203 5.98 8.78 0.57
C GLU B 203 5.50 10.21 0.28
N VAL B 204 6.34 11.22 0.47
CA VAL B 204 5.79 12.59 0.31
C VAL B 204 6.25 13.19 -1.04
N HIS B 205 7.22 12.54 -1.68
CA HIS B 205 7.77 12.97 -2.93
C HIS B 205 8.40 11.75 -3.56
N PRO B 206 8.34 11.66 -4.87
CA PRO B 206 8.84 10.38 -5.45
C PRO B 206 10.28 10.11 -4.97
N GLY B 207 10.59 8.89 -4.55
CA GLY B 207 11.92 8.55 -4.02
C GLY B 207 12.16 8.97 -2.53
N PHE B 208 11.22 9.72 -1.89
CA PHE B 208 11.38 10.11 -0.47
C PHE B 208 10.23 9.85 0.52
N LEU B 209 10.54 9.47 1.75
CA LEU B 209 9.45 9.39 2.73
C LEU B 209 9.67 10.27 3.99
N TYR B 210 8.57 10.45 4.70
CA TYR B 210 8.56 11.16 5.95
C TYR B 210 7.81 10.24 6.91
N ALA B 211 8.37 10.05 8.10
CA ALA B 211 7.71 9.18 9.15
C ALA B 211 7.41 9.96 10.40
N THR B 212 6.23 9.71 11.00
CA THR B 212 5.97 10.12 12.39
C THR B 212 5.68 8.84 13.20
N CYS B 213 6.47 8.63 14.25
CA CYS B 213 6.43 7.40 15.06
C CYS B 213 6.20 7.75 16.53
N ARG B 214 5.20 7.10 17.14
CA ARG B 214 4.83 7.38 18.52
C ARG B 214 5.11 6.10 19.35
N PRO B 215 5.64 6.28 20.54
CA PRO B 215 6.23 5.16 21.26
C PRO B 215 5.22 4.14 21.73
N GLY B 216 3.93 4.44 21.72
CA GLY B 216 3.00 3.40 22.15
C GLY B 216 2.49 2.40 21.10
N PRO B 217 2.10 1.20 21.57
CA PRO B 217 1.47 0.23 20.68
C PRO B 217 -0.05 0.57 20.53
N ARG B 218 -0.56 0.39 19.30
CA ARG B 218 -1.96 0.75 18.97
C ARG B 218 -2.95 0.72 20.19
N SER C 4 31.18 -13.60 -13.98
CA SER C 4 31.85 -14.87 -14.38
C SER C 4 30.95 -15.68 -15.30
N HIS C 5 31.58 -16.54 -16.09
CA HIS C 5 30.87 -17.59 -16.74
C HIS C 5 29.95 -18.30 -15.69
N GLY C 6 30.32 -18.16 -14.42
CA GLY C 6 29.77 -18.99 -13.33
C GLY C 6 28.35 -18.57 -12.98
N LEU C 7 28.09 -17.28 -13.10
CA LEU C 7 26.79 -16.73 -12.74
C LEU C 7 25.80 -17.09 -13.86
N ILE C 8 26.33 -17.05 -15.09
CA ILE C 8 25.58 -17.30 -16.31
C ILE C 8 25.00 -18.67 -16.19
N GLU C 9 25.89 -19.56 -15.77
CA GLU C 9 25.62 -20.98 -15.73
C GLU C 9 24.76 -21.28 -14.51
N SER C 10 25.10 -20.68 -13.37
CA SER C 10 24.23 -20.89 -12.20
C SER C 10 22.77 -20.48 -12.55
N GLN C 11 22.65 -19.42 -13.37
CA GLN C 11 21.37 -18.86 -13.78
C GLN C 11 20.61 -19.85 -14.65
N LEU C 12 21.31 -20.41 -15.62
CA LEU C 12 20.61 -21.36 -16.48
C LEU C 12 20.15 -22.60 -15.66
N SER C 13 21.04 -23.10 -14.81
CA SER C 13 20.69 -24.19 -13.88
C SER C 13 19.46 -23.85 -13.08
N TYR C 14 19.42 -22.66 -12.52
CA TYR C 14 18.26 -22.30 -11.70
C TYR C 14 16.95 -22.48 -12.47
N TYR C 15 16.93 -21.96 -13.69
CA TYR C 15 15.72 -22.03 -14.45
C TYR C 15 15.39 -23.46 -14.90
N ARG C 16 16.39 -24.25 -15.34
CA ARG C 16 16.15 -25.71 -15.58
C ARG C 16 15.53 -26.41 -14.39
N ALA C 17 16.00 -26.16 -13.18
CA ALA C 17 15.43 -26.85 -12.02
C ALA C 17 14.06 -26.25 -11.70
N ARG C 18 13.89 -24.95 -11.95
CA ARG C 18 12.65 -24.33 -11.56
C ARG C 18 11.48 -24.69 -12.51
N ALA C 19 11.81 -25.24 -13.67
CA ALA C 19 10.87 -25.34 -14.76
C ALA C 19 9.50 -25.97 -14.41
N SER C 20 9.49 -27.08 -13.66
CA SER C 20 8.20 -27.72 -13.37
C SER C 20 7.33 -27.00 -12.31
N GLU C 21 7.90 -26.17 -11.42
CA GLU C 21 7.13 -25.37 -10.44
C GLU C 21 7.01 -23.87 -10.86
N TYR C 22 7.56 -23.51 -12.02
CA TYR C 22 7.62 -22.10 -12.42
C TYR C 22 6.24 -21.35 -12.45
N ASP C 23 5.20 -21.99 -13.00
CA ASP C 23 3.90 -21.33 -13.10
C ASP C 23 3.21 -21.26 -11.76
N ALA C 24 3.84 -21.85 -10.74
CA ALA C 24 3.22 -21.78 -9.42
C ALA C 24 3.55 -20.42 -8.79
N THR C 25 4.58 -19.76 -9.31
CA THR C 25 4.93 -18.46 -8.75
C THR C 25 5.05 -17.37 -9.82
N PHE C 26 5.43 -17.76 -11.03
CA PHE C 26 5.51 -16.81 -12.15
C PHE C 26 6.46 -15.65 -11.78
N VAL C 27 6.42 -14.55 -12.53
CA VAL C 27 7.17 -13.31 -12.23
C VAL C 27 6.30 -12.41 -11.32
N PRO C 28 6.88 -11.98 -10.21
CA PRO C 28 6.14 -11.27 -9.18
C PRO C 28 5.40 -10.07 -9.76
N TYR C 29 4.07 -10.02 -9.57
CA TYR C 29 3.20 -8.89 -9.98
C TYR C 29 3.09 -8.76 -11.47
N MET C 30 3.69 -9.68 -12.23
CA MET C 30 3.47 -9.62 -13.65
C MET C 30 1.97 -9.66 -13.97
N ASP C 31 1.18 -10.35 -13.13
CA ASP C 31 -0.26 -10.51 -13.42
C ASP C 31 -0.99 -9.18 -13.22
N SER C 32 -0.47 -8.32 -12.34
CA SER C 32 -1.05 -6.99 -12.16
C SER C 32 -0.74 -6.17 -13.41
N ALA C 33 0.42 -6.45 -14.01
CA ALA C 33 0.92 -5.58 -15.07
C ALA C 33 0.51 -6.05 -16.47
N ALA C 34 -0.03 -7.27 -16.58
CA ALA C 34 -0.28 -7.84 -17.90
C ALA C 34 -1.26 -7.01 -18.75
N PRO C 35 -2.36 -6.50 -18.18
CA PRO C 35 -3.24 -5.74 -19.15
C PRO C 35 -2.57 -4.51 -19.75
N ALA C 36 -1.80 -3.80 -18.97
CA ALA C 36 -1.15 -2.61 -19.48
C ALA C 36 -0.02 -3.03 -20.50
N ALA C 37 0.68 -4.17 -20.26
CA ALA C 37 1.67 -4.68 -21.20
C ALA C 37 0.95 -5.14 -22.49
N LEU C 38 -0.24 -5.74 -22.34
CA LEU C 38 -0.94 -6.20 -23.53
C LEU C 38 -1.45 -5.07 -24.46
N GLU C 39 -1.65 -3.86 -23.96
CA GLU C 39 -2.11 -2.82 -24.81
C GLU C 39 -0.96 -2.51 -25.78
N ARG C 40 0.26 -2.67 -25.28
CA ARG C 40 1.40 -2.50 -26.19
C ARG C 40 1.64 -3.79 -27.05
N LEU C 41 1.60 -4.97 -26.47
CA LEU C 41 1.74 -6.16 -27.28
C LEU C 41 0.83 -6.13 -28.49
N ARG C 42 -0.40 -5.66 -28.34
CA ARG C 42 -1.43 -5.71 -29.42
C ARG C 42 -1.50 -4.49 -30.32
N ALA C 43 -0.52 -3.59 -30.24
CA ALA C 43 -0.53 -2.40 -31.06
C ALA C 43 -0.26 -2.71 -32.54
N GLY C 44 0.01 -3.97 -32.93
CA GLY C 44 0.18 -4.27 -34.36
C GLY C 44 1.57 -4.65 -34.83
N ASN C 45 2.60 -4.51 -34.00
CA ASN C 45 3.93 -4.83 -34.41
C ASN C 45 4.17 -6.31 -34.22
N ILE C 46 3.40 -6.94 -33.36
CA ILE C 46 3.60 -8.37 -33.21
C ILE C 46 2.75 -8.98 -34.29
N ARG C 47 3.34 -9.40 -35.40
CA ARG C 47 2.55 -9.90 -36.50
C ARG C 47 3.56 -10.67 -37.43
N GLY C 48 3.03 -11.32 -38.47
CA GLY C 48 3.85 -12.05 -39.43
C GLY C 48 4.60 -13.19 -38.75
N ASP C 49 5.90 -13.21 -38.95
CA ASP C 49 6.82 -14.19 -38.42
C ASP C 49 7.54 -13.60 -37.20
N VAL C 50 7.34 -14.21 -36.07
CA VAL C 50 7.85 -13.64 -34.84
C VAL C 50 8.90 -14.57 -34.19
N LEU C 51 9.96 -14.00 -33.64
CA LEU C 51 10.91 -14.73 -32.84
C LEU C 51 10.75 -14.37 -31.36
N GLU C 52 10.65 -15.37 -30.50
CA GLU C 52 10.58 -15.12 -29.07
C GLU C 52 11.83 -15.67 -28.39
N LEU C 53 12.47 -14.86 -27.58
CA LEU C 53 13.64 -15.27 -26.84
C LEU C 53 13.27 -15.53 -25.36
N ALA C 54 13.86 -16.62 -24.80
CA ALA C 54 13.66 -17.02 -23.38
C ALA C 54 12.16 -17.21 -23.10
N SER C 55 11.55 -18.08 -23.88
CA SER C 55 10.07 -18.23 -23.83
C SER C 55 9.54 -18.95 -22.58
N GLY C 56 10.44 -19.60 -21.82
CA GLY C 56 10.11 -20.30 -20.59
C GLY C 56 8.92 -21.22 -20.72
N THR C 57 7.93 -21.06 -19.85
CA THR C 57 6.80 -22.01 -19.89
C THR C 57 5.72 -21.53 -20.85
N GLY C 58 5.96 -20.43 -21.57
CA GLY C 58 5.08 -20.09 -22.69
C GLY C 58 3.95 -19.09 -22.45
N TYR C 59 3.94 -18.45 -21.29
CA TYR C 59 2.96 -17.41 -20.97
C TYR C 59 2.87 -16.37 -22.10
N TRP C 60 3.99 -15.81 -22.51
CA TRP C 60 3.89 -14.82 -23.57
C TRP C 60 3.66 -15.49 -24.94
N THR C 61 4.17 -16.73 -25.09
CA THR C 61 4.13 -17.47 -26.37
C THR C 61 2.66 -17.67 -26.75
N ARG C 62 1.81 -17.86 -25.74
CA ARG C 62 0.37 -18.05 -26.02
C ARG C 62 -0.14 -16.82 -26.71
N HIS C 63 0.26 -15.65 -26.25
CA HIS C 63 -0.26 -14.44 -26.88
C HIS C 63 0.36 -14.23 -28.23
N LEU C 64 1.63 -14.53 -28.38
CA LEU C 64 2.33 -14.24 -29.64
C LEU C 64 1.72 -15.19 -30.67
N SER C 65 1.43 -16.41 -30.26
CA SER C 65 0.81 -17.39 -31.13
C SER C 65 -0.54 -16.88 -31.66
N GLY C 66 -1.33 -16.19 -30.82
CA GLY C 66 -2.60 -15.61 -31.27
C GLY C 66 -2.42 -14.44 -32.24
N LEU C 67 -1.31 -13.69 -32.13
CA LEU C 67 -1.12 -12.49 -33.02
C LEU C 67 -0.39 -12.77 -34.33
N ALA C 68 0.52 -13.74 -34.33
CA ALA C 68 1.45 -13.89 -35.44
C ALA C 68 0.95 -14.94 -36.41
N ASP C 69 1.48 -14.99 -37.63
CA ASP C 69 1.26 -16.21 -38.43
C ASP C 69 2.11 -17.42 -37.89
N ARG C 70 3.37 -17.19 -37.54
CA ARG C 70 4.29 -18.28 -37.10
C ARG C 70 5.16 -17.74 -35.96
N VAL C 71 5.38 -18.56 -34.95
CA VAL C 71 6.30 -18.16 -33.94
C VAL C 71 7.47 -19.14 -33.84
N THR C 72 8.69 -18.61 -33.70
CA THR C 72 9.82 -19.44 -33.29
C THR C 72 10.27 -19.01 -31.91
N ALA C 73 10.32 -19.95 -30.98
CA ALA C 73 10.61 -19.63 -29.57
C ALA C 73 11.86 -20.36 -29.06
N LEU C 74 12.85 -19.62 -28.56
CA LEU C 74 14.08 -20.19 -28.11
C LEU C 74 14.14 -20.10 -26.59
N ASP C 75 14.58 -21.17 -25.94
CA ASP C 75 14.87 -21.13 -24.52
C ASP C 75 16.07 -21.99 -24.17
N GLY C 76 16.88 -21.56 -23.22
CA GLY C 76 18.03 -22.38 -22.82
C GLY C 76 17.66 -23.75 -22.25
N SER C 77 16.42 -23.95 -21.82
CA SER C 77 16.07 -25.07 -20.98
C SER C 77 15.11 -26.01 -21.66
N ALA C 78 15.49 -27.26 -21.89
CA ALA C 78 14.55 -28.19 -22.56
C ALA C 78 13.41 -28.48 -21.60
N GLU C 79 13.64 -28.29 -20.30
CA GLU C 79 12.54 -28.56 -19.36
C GLU C 79 11.45 -27.51 -19.55
N MET C 80 11.87 -26.27 -19.78
CA MET C 80 10.95 -25.17 -19.94
C MET C 80 10.17 -25.46 -21.24
N ILE C 81 10.90 -25.89 -22.27
CA ILE C 81 10.30 -26.12 -23.57
C ILE C 81 9.27 -27.18 -23.47
N ALA C 82 9.53 -28.20 -22.63
CA ALA C 82 8.55 -29.27 -22.44
C ALA C 82 7.30 -28.76 -21.70
N GLU C 83 7.47 -27.87 -20.73
CA GLU C 83 6.28 -27.24 -20.13
C GLU C 83 5.49 -26.39 -21.17
N ALA C 84 6.16 -25.55 -21.98
CA ALA C 84 5.43 -24.76 -23.00
C ALA C 84 4.68 -25.62 -23.98
N GLY C 85 5.18 -26.85 -24.19
CA GLY C 85 4.51 -27.84 -25.06
C GLY C 85 3.10 -28.14 -24.62
N ARG C 86 2.80 -28.04 -23.36
CA ARG C 86 1.42 -28.34 -22.96
C ARG C 86 0.34 -27.33 -23.40
N HIS C 87 0.68 -26.16 -23.93
CA HIS C 87 -0.37 -25.29 -24.41
C HIS C 87 -0.90 -25.73 -25.78
N GLY C 88 -0.23 -26.70 -26.42
CA GLY C 88 -0.70 -27.19 -27.70
C GLY C 88 -0.78 -26.10 -28.79
N LEU C 89 0.18 -25.20 -28.87
CA LEU C 89 0.10 -24.09 -29.84
C LEU C 89 0.53 -24.58 -31.24
N ASP C 90 -0.36 -24.57 -32.22
CA ASP C 90 -0.09 -25.18 -33.56
C ASP C 90 0.89 -24.40 -34.41
N ASN C 91 1.03 -23.09 -34.17
CA ASN C 91 1.92 -22.33 -35.08
C ASN C 91 3.23 -21.96 -34.45
N VAL C 92 3.61 -22.72 -33.42
CA VAL C 92 4.79 -22.40 -32.70
C VAL C 92 5.82 -23.51 -32.78
N GLU C 93 7.06 -23.13 -33.05
CA GLU C 93 8.12 -24.08 -32.99
C GLU C 93 9.10 -23.69 -31.88
N PHE C 94 9.43 -24.63 -31.02
CA PHE C 94 10.42 -24.42 -29.95
C PHE C 94 11.82 -24.97 -30.26
N ARG C 95 12.86 -24.28 -29.84
CA ARG C 95 14.22 -24.77 -30.01
C ARG C 95 15.05 -24.43 -28.80
N GLN C 96 15.96 -25.35 -28.43
CA GLN C 96 16.82 -25.11 -27.29
C GLN C 96 17.99 -24.28 -27.73
N GLN C 97 18.32 -23.23 -26.98
CA GLN C 97 19.36 -22.34 -27.41
C GLN C 97 19.87 -21.53 -26.22
N ASP C 98 21.17 -21.60 -25.97
CA ASP C 98 21.82 -20.74 -25.02
C ASP C 98 21.98 -19.35 -25.67
N LEU C 99 21.26 -18.34 -25.16
CA LEU C 99 21.25 -17.05 -25.85
C LEU C 99 22.58 -16.32 -25.74
N PHE C 100 23.49 -16.81 -24.89
CA PHE C 100 24.78 -16.13 -24.75
C PHE C 100 25.76 -16.72 -25.71
N ASP C 101 25.30 -17.66 -26.52
CA ASP C 101 26.21 -18.16 -27.56
C ASP C 101 25.37 -18.38 -28.82
N TRP C 102 24.92 -17.29 -29.42
CA TRP C 102 23.78 -17.41 -30.36
C TRP C 102 23.91 -16.36 -31.44
N THR C 103 23.80 -16.73 -32.71
CA THR C 103 23.64 -15.73 -33.77
C THR C 103 22.51 -16.29 -34.64
N PRO C 104 21.56 -15.43 -35.03
CA PRO C 104 20.45 -16.06 -35.73
C PRO C 104 20.85 -16.39 -37.16
N ASP C 105 20.09 -17.26 -37.83
CA ASP C 105 20.36 -17.60 -39.21
C ASP C 105 19.48 -16.88 -40.20
N ARG C 106 18.32 -16.40 -39.76
CA ARG C 106 17.46 -15.64 -40.65
C ARG C 106 16.86 -14.43 -39.85
N GLN C 107 15.76 -13.86 -40.34
CA GLN C 107 15.30 -12.58 -39.78
C GLN C 107 13.81 -12.70 -39.57
N TRP C 108 13.26 -12.01 -38.57
CA TRP C 108 11.81 -12.01 -38.36
C TRP C 108 11.21 -10.61 -38.35
N ASP C 109 9.87 -10.54 -38.46
CA ASP C 109 9.12 -9.25 -38.43
C ASP C 109 9.12 -8.59 -37.03
N ALA C 110 9.09 -9.42 -35.98
CA ALA C 110 9.26 -8.93 -34.63
C ALA C 110 10.10 -9.92 -33.85
N VAL C 111 10.95 -9.39 -32.99
CA VAL C 111 11.60 -10.16 -31.96
C VAL C 111 11.02 -9.72 -30.60
N PHE C 112 10.64 -10.68 -29.78
CA PHE C 112 10.02 -10.37 -28.49
C PHE C 112 10.71 -11.15 -27.39
N PHE C 113 10.92 -10.50 -26.21
CA PHE C 113 11.28 -11.22 -24.98
C PHE C 113 10.62 -10.57 -23.74
N ALA C 114 10.21 -11.35 -22.76
CA ALA C 114 9.70 -10.80 -21.51
C ALA C 114 10.59 -11.28 -20.37
N HIS C 115 11.09 -10.36 -19.56
CA HIS C 115 11.84 -10.72 -18.33
C HIS C 115 13.11 -11.47 -18.62
N TRP C 116 13.67 -11.25 -19.80
CA TRP C 116 14.94 -11.79 -20.18
C TRP C 116 16.08 -10.77 -19.98
N LEU C 117 15.87 -9.56 -20.43
CA LEU C 117 16.98 -8.61 -20.50
C LEU C 117 17.61 -8.34 -19.11
N ALA C 118 16.79 -8.32 -18.06
CA ALA C 118 17.30 -8.16 -16.68
C ALA C 118 18.27 -9.25 -16.29
N HIS C 119 18.28 -10.36 -17.05
CA HIS C 119 19.21 -11.50 -16.79
C HIS C 119 20.42 -11.47 -17.74
N VAL C 120 20.60 -10.37 -18.46
CA VAL C 120 21.77 -10.24 -19.34
C VAL C 120 22.69 -9.26 -18.62
N PRO C 121 23.86 -9.74 -18.16
CA PRO C 121 24.71 -8.77 -17.41
C PRO C 121 25.29 -7.71 -18.36
N ASP C 122 25.62 -6.53 -17.83
CA ASP C 122 26.19 -5.43 -18.61
C ASP C 122 27.33 -5.81 -19.55
N ASP C 123 28.10 -6.80 -19.19
CA ASP C 123 29.25 -7.09 -20.03
C ASP C 123 28.92 -8.12 -21.10
N ARG C 124 27.65 -8.55 -21.12
CA ARG C 124 27.15 -9.34 -22.24
C ARG C 124 26.07 -8.66 -23.13
N PHE C 125 25.70 -7.44 -22.76
CA PHE C 125 24.54 -6.74 -23.27
C PHE C 125 24.77 -6.39 -24.75
N GLU C 126 25.93 -5.84 -25.05
CA GLU C 126 26.25 -5.44 -26.44
C GLU C 126 26.22 -6.59 -27.48
N ALA C 127 26.88 -7.69 -27.15
CA ALA C 127 26.89 -8.85 -28.08
C ALA C 127 25.51 -9.43 -28.23
N PHE C 128 24.77 -9.50 -27.11
CA PHE C 128 23.37 -9.97 -27.22
C PHE C 128 22.58 -9.09 -28.24
N TRP C 129 22.77 -7.78 -28.13
CA TRP C 129 22.06 -6.80 -28.98
C TRP C 129 22.53 -6.80 -30.45
N GLU C 130 23.79 -7.15 -30.70
CA GLU C 130 24.28 -7.47 -32.11
C GLU C 130 23.54 -8.61 -32.73
N SER C 131 23.41 -9.70 -32.00
CA SER C 131 22.63 -10.80 -32.51
C SER C 131 21.16 -10.43 -32.67
N VAL C 132 20.57 -9.70 -31.72
CA VAL C 132 19.17 -9.32 -31.89
C VAL C 132 19.05 -8.50 -33.19
N ARG C 133 19.95 -7.56 -33.35
CA ARG C 133 19.82 -6.71 -34.51
C ARG C 133 19.84 -7.51 -35.79
N SER C 134 20.74 -8.47 -35.85
CA SER C 134 20.84 -9.23 -37.06
C SER C 134 19.59 -10.15 -37.26
N ALA C 135 18.79 -10.30 -36.22
CA ALA C 135 17.54 -11.06 -36.32
C ALA C 135 16.31 -10.26 -36.83
N VAL C 136 16.46 -8.96 -36.98
CA VAL C 136 15.31 -8.15 -37.35
C VAL C 136 15.16 -8.01 -38.91
N ALA C 137 14.06 -8.47 -39.50
CA ALA C 137 13.82 -8.22 -40.88
C ALA C 137 13.61 -6.74 -41.18
N PRO C 138 13.82 -6.30 -42.44
CA PRO C 138 13.50 -4.94 -42.92
C PRO C 138 12.07 -4.54 -42.52
N GLY C 139 11.89 -3.36 -41.92
CA GLY C 139 10.57 -2.98 -41.39
C GLY C 139 10.25 -3.56 -40.00
N GLY C 140 11.14 -4.37 -39.41
CA GLY C 140 10.71 -5.12 -38.22
C GLY C 140 11.04 -4.39 -36.91
N VAL C 141 10.64 -4.95 -35.76
CA VAL C 141 11.06 -4.28 -34.50
C VAL C 141 11.37 -5.32 -33.46
N VAL C 142 12.02 -4.87 -32.40
CA VAL C 142 12.14 -5.70 -31.19
C VAL C 142 11.20 -5.11 -30.12
N GLU C 143 10.48 -5.97 -29.39
CA GLU C 143 9.68 -5.45 -28.26
C GLU C 143 10.02 -6.34 -27.09
N PHE C 144 10.14 -5.73 -25.92
CA PHE C 144 10.33 -6.47 -24.72
C PHE C 144 9.60 -5.84 -23.52
N VAL C 145 9.34 -6.69 -22.55
CA VAL C 145 8.76 -6.32 -21.26
C VAL C 145 9.85 -6.68 -20.23
N ASP C 146 9.93 -5.90 -19.16
CA ASP C 146 10.82 -6.20 -18.07
C ASP C 146 10.44 -5.41 -16.82
N VAL C 147 11.14 -5.66 -15.73
CA VAL C 147 10.98 -4.85 -14.53
C VAL C 147 11.63 -3.48 -14.78
N THR C 148 11.28 -2.49 -13.99
CA THR C 148 12.04 -1.27 -14.07
C THR C 148 12.09 -0.46 -12.79
N ASP C 149 12.85 0.63 -12.82
CA ASP C 149 12.92 1.55 -11.67
C ASP C 149 12.54 2.91 -12.10
N HIS C 150 12.18 3.72 -11.09
CA HIS C 150 12.05 5.11 -11.36
C HIS C 150 13.44 5.66 -11.66
N GLU C 151 13.41 6.72 -12.47
CA GLU C 151 14.57 7.35 -13.05
C GLU C 151 15.69 7.68 -12.03
N ARG C 152 15.33 8.08 -10.83
CA ARG C 152 16.27 8.75 -9.96
C ARG C 152 16.85 7.81 -8.88
N ARG C 153 16.29 6.60 -8.76
CA ARG C 153 16.82 5.59 -7.82
C ARG C 153 18.35 5.34 -7.96
N LEU C 154 18.82 5.16 -9.19
CA LEU C 154 20.19 4.78 -9.41
C LEU C 154 21.03 5.85 -8.76
N GLU C 155 20.71 7.12 -9.06
CA GLU C 155 21.50 8.21 -8.46
C GLU C 155 21.33 8.38 -6.97
N GLN C 156 20.13 8.13 -6.42
CA GLN C 156 20.00 8.22 -4.96
C GLN C 156 20.83 7.12 -4.34
N GLN C 157 20.96 5.97 -4.98
CA GLN C 157 21.77 4.90 -4.41
C GLN C 157 23.28 5.21 -4.57
N ASP C 158 23.65 5.77 -5.73
CA ASP C 158 25.02 6.13 -6.06
C ASP C 158 26.04 5.01 -5.70
N ASP C 159 25.83 3.83 -6.26
CA ASP C 159 26.70 2.68 -6.07
C ASP C 159 27.68 2.58 -7.27
N SER C 160 28.96 2.81 -7.07
CA SER C 160 29.89 2.65 -8.23
C SER C 160 30.25 1.18 -8.50
N GLU C 161 29.90 0.27 -7.60
CA GLU C 161 30.14 -1.13 -7.84
C GLU C 161 28.86 -1.94 -7.74
N PRO C 162 27.95 -1.78 -8.72
CA PRO C 162 26.56 -2.33 -8.64
C PRO C 162 26.52 -3.85 -8.49
N GLU C 163 25.67 -4.35 -7.61
CA GLU C 163 25.39 -5.79 -7.54
C GLU C 163 24.69 -6.35 -8.81
N VAL C 164 25.20 -7.44 -9.34
CA VAL C 164 24.63 -8.05 -10.53
C VAL C 164 23.64 -9.11 -10.02
N ALA C 165 24.07 -9.81 -8.97
CA ALA C 165 23.52 -11.12 -8.58
C ALA C 165 22.48 -11.05 -7.45
N VAL C 166 21.56 -11.99 -7.47
CA VAL C 166 20.62 -12.17 -6.40
C VAL C 166 20.55 -13.65 -6.14
N ARG C 167 20.10 -14.02 -4.94
CA ARG C 167 20.03 -15.40 -4.57
C ARG C 167 18.57 -15.84 -4.49
N ARG C 168 18.29 -16.94 -5.18
CA ARG C 168 16.98 -17.58 -5.20
C ARG C 168 17.05 -18.99 -4.57
N THR C 169 15.97 -19.39 -3.93
CA THR C 169 15.83 -20.77 -3.37
C THR C 169 14.62 -21.52 -3.85
N LEU C 170 14.79 -22.76 -4.32
CA LEU C 170 13.65 -23.56 -4.80
C LEU C 170 12.95 -24.36 -3.67
N GLN C 171 11.76 -24.90 -3.97
CA GLN C 171 11.02 -25.75 -3.02
C GLN C 171 11.92 -26.79 -2.34
N ASP C 172 12.62 -27.58 -3.13
CA ASP C 172 13.50 -28.62 -2.61
C ASP C 172 14.74 -28.06 -1.82
N GLY C 173 14.71 -26.77 -1.43
CA GLY C 173 15.89 -26.12 -0.80
C GLY C 173 17.19 -25.87 -1.59
N ARG C 174 17.29 -26.24 -2.87
CA ARG C 174 18.46 -25.78 -3.63
C ARG C 174 18.48 -24.25 -3.89
N SER C 175 19.69 -23.74 -4.00
CA SER C 175 19.90 -22.33 -4.06
C SER C 175 20.75 -21.98 -5.27
N PHE C 176 20.45 -20.83 -5.89
CA PHE C 176 21.17 -20.45 -7.11
C PHE C 176 21.33 -18.93 -7.11
N ARG C 177 22.48 -18.46 -7.59
CA ARG C 177 22.67 -17.05 -7.85
C ARG C 177 22.31 -16.83 -9.32
N ILE C 178 21.60 -15.74 -9.59
CA ILE C 178 21.21 -15.41 -10.96
C ILE C 178 21.54 -13.94 -11.22
N VAL C 179 21.44 -13.49 -12.47
CA VAL C 179 21.59 -12.08 -12.78
C VAL C 179 20.25 -11.36 -12.65
N LYS C 180 20.21 -10.23 -11.95
CA LYS C 180 19.01 -9.44 -11.93
C LYS C 180 19.36 -7.96 -12.02
N VAL C 181 19.42 -7.40 -13.23
CA VAL C 181 19.74 -5.98 -13.36
C VAL C 181 18.48 -5.12 -13.68
N PHE C 182 18.07 -4.24 -12.76
CA PHE C 182 17.03 -3.21 -13.01
C PHE C 182 17.59 -2.04 -13.81
N ARG C 183 17.01 -1.77 -14.97
CA ARG C 183 17.39 -0.65 -15.80
C ARG C 183 16.16 0.26 -16.06
N SER C 184 16.28 1.54 -15.73
CA SER C 184 15.14 2.43 -15.93
C SER C 184 14.90 2.66 -17.42
N PRO C 185 13.73 3.23 -17.76
CA PRO C 185 13.45 3.46 -19.21
C PRO C 185 14.52 4.36 -19.83
N ALA C 186 14.95 5.39 -19.10
CA ALA C 186 15.92 6.35 -19.68
C ALA C 186 17.33 5.78 -19.78
N GLU C 187 17.72 5.01 -18.80
CA GLU C 187 19.01 4.30 -18.85
C GLU C 187 19.05 3.38 -20.09
N LEU C 188 18.12 2.48 -20.23
CA LEU C 188 18.04 1.64 -21.45
C LEU C 188 17.97 2.43 -22.79
N THR C 189 17.17 3.50 -22.86
CA THR C 189 17.13 4.33 -24.07
C THR C 189 18.54 4.87 -24.44
N GLU C 190 19.25 5.42 -23.45
CA GLU C 190 20.64 5.90 -23.63
C GLU C 190 21.53 4.80 -24.18
N ARG C 191 21.52 3.67 -23.52
CA ARG C 191 22.38 2.59 -23.91
C ARG C 191 22.05 2.03 -25.26
N LEU C 192 20.77 1.81 -25.57
CA LEU C 192 20.49 1.26 -26.86
C LEU C 192 20.71 2.31 -27.97
N THR C 193 20.45 3.58 -27.68
CA THR C 193 20.62 4.64 -28.68
C THR C 193 22.09 4.71 -29.11
N ALA C 194 22.98 4.68 -28.11
CA ALA C 194 24.42 4.67 -28.39
C ALA C 194 24.80 3.40 -29.15
N LEU C 195 24.01 2.32 -29.12
CA LEU C 195 24.24 1.17 -30.03
C LEU C 195 23.53 1.26 -31.41
N GLY C 196 23.01 2.41 -31.78
CA GLY C 196 22.40 2.54 -33.09
C GLY C 196 20.89 2.29 -33.15
N TRP C 197 20.25 2.07 -32.00
CA TRP C 197 18.82 1.71 -31.98
C TRP C 197 17.99 2.98 -31.75
N SER C 198 16.75 3.00 -32.29
CA SER C 198 15.71 3.98 -31.97
C SER C 198 14.66 3.35 -31.05
N CYS C 199 14.34 3.98 -29.93
CA CYS C 199 13.77 3.26 -28.77
C CYS C 199 12.61 4.01 -28.21
N SER C 200 11.47 3.35 -28.02
CA SER C 200 10.40 3.91 -27.20
C SER C 200 10.20 3.01 -25.98
N VAL C 201 10.77 3.42 -24.86
CA VAL C 201 10.72 2.62 -23.66
C VAL C 201 9.86 3.37 -22.65
N ASP C 202 8.86 2.69 -22.12
CA ASP C 202 7.88 3.34 -21.21
C ASP C 202 7.60 2.47 -20.00
N GLU C 203 7.51 3.06 -18.80
CA GLU C 203 7.02 2.28 -17.67
C GLU C 203 5.54 2.20 -17.85
N VAL C 204 4.95 1.03 -18.00
CA VAL C 204 3.53 0.99 -18.35
C VAL C 204 2.66 0.71 -17.13
N HIS C 205 3.31 0.34 -16.04
CA HIS C 205 2.67 -0.08 -14.83
C HIS C 205 3.79 -0.02 -13.79
N PRO C 206 3.47 0.45 -12.56
CA PRO C 206 4.60 0.70 -11.60
C PRO C 206 5.48 -0.54 -11.55
N GLY C 207 6.76 -0.38 -11.78
CA GLY C 207 7.70 -1.50 -11.70
C GLY C 207 7.94 -2.32 -12.98
N PHE C 208 7.28 -1.96 -14.09
CA PHE C 208 7.38 -2.67 -15.37
C PHE C 208 7.46 -1.71 -16.55
N LEU C 209 8.38 -2.00 -17.48
CA LEU C 209 8.45 -1.26 -18.73
C LEU C 209 8.05 -2.12 -19.96
N TYR C 210 7.62 -1.46 -21.03
CA TYR C 210 7.49 -2.10 -22.34
C TYR C 210 8.34 -1.24 -23.30
N ALA C 211 9.13 -1.90 -24.14
CA ALA C 211 9.99 -1.22 -25.15
C ALA C 211 9.69 -1.66 -26.59
N THR C 212 9.77 -0.70 -27.52
CA THR C 212 9.78 -0.91 -28.92
C THR C 212 11.09 -0.32 -29.49
N CYS C 213 11.88 -1.16 -30.11
CA CYS C 213 13.20 -0.71 -30.58
C CYS C 213 13.33 -1.05 -32.06
N ARG C 214 13.82 -0.08 -32.82
CA ARG C 214 14.07 -0.20 -34.24
C ARG C 214 15.58 -0.09 -34.50
N PRO C 215 16.10 -1.00 -35.32
CA PRO C 215 17.55 -1.10 -35.59
C PRO C 215 17.89 -0.01 -36.57
N THR D 3 -29.01 3.02 20.40
CA THR D 3 -27.80 3.44 21.18
C THR D 3 -28.03 3.65 22.67
N SER D 4 -27.69 2.63 23.45
CA SER D 4 -27.89 2.65 24.89
C SER D 4 -27.08 3.76 25.61
N HIS D 5 -27.65 4.28 26.70
CA HIS D 5 -26.92 5.14 27.57
C HIS D 5 -25.56 4.49 27.87
N GLY D 6 -25.52 3.15 27.84
CA GLY D 6 -24.38 2.36 28.33
C GLY D 6 -23.15 2.56 27.43
N LEU D 7 -23.41 2.70 26.12
CA LEU D 7 -22.39 2.92 25.10
C LEU D 7 -21.80 4.36 25.21
N ILE D 8 -22.66 5.34 25.44
CA ILE D 8 -22.20 6.69 25.76
C ILE D 8 -21.21 6.72 26.92
N GLU D 9 -21.50 5.90 27.92
CA GLU D 9 -20.82 6.04 29.24
C GLU D 9 -19.48 5.31 29.14
N SER D 10 -19.58 4.13 28.58
CA SER D 10 -18.47 3.32 28.21
C SER D 10 -17.41 4.10 27.36
N GLN D 11 -17.88 4.79 26.34
CA GLN D 11 -17.02 5.60 25.52
C GLN D 11 -16.34 6.70 26.35
N LEU D 12 -17.07 7.42 27.20
CA LEU D 12 -16.42 8.49 27.99
C LEU D 12 -15.43 7.87 28.96
N SER D 13 -15.81 6.74 29.60
CA SER D 13 -14.86 6.01 30.46
C SER D 13 -13.62 5.56 29.74
N TYR D 14 -13.77 4.96 28.57
CA TYR D 14 -12.55 4.70 27.75
C TYR D 14 -11.59 5.91 27.65
N TYR D 15 -12.10 7.06 27.23
CA TYR D 15 -11.20 8.21 27.03
C TYR D 15 -10.63 8.71 28.36
N ARG D 16 -11.39 8.57 29.45
CA ARG D 16 -10.91 8.98 30.78
C ARG D 16 -9.73 8.10 31.14
N ALA D 17 -9.86 6.79 30.89
CA ALA D 17 -8.71 5.93 31.21
C ALA D 17 -7.56 6.09 30.21
N ARG D 18 -7.86 6.31 28.94
CA ARG D 18 -6.79 6.38 27.96
C ARG D 18 -5.95 7.65 28.09
N ALA D 19 -6.48 8.62 28.83
CA ALA D 19 -5.93 9.99 28.83
C ALA D 19 -4.43 10.05 28.99
N SER D 20 -3.89 9.43 30.05
CA SER D 20 -2.45 9.47 30.29
C SER D 20 -1.54 8.91 29.19
N GLU D 21 -2.00 7.93 28.40
CA GLU D 21 -1.22 7.28 27.35
C GLU D 21 -1.77 7.64 25.93
N TYR D 22 -2.60 8.67 25.82
CA TYR D 22 -3.30 9.00 24.56
C TYR D 22 -2.28 9.36 23.47
N ASP D 23 -1.43 10.32 23.80
CA ASP D 23 -0.39 10.77 22.89
C ASP D 23 0.62 9.70 22.46
N ALA D 24 0.67 8.57 23.17
CA ALA D 24 1.60 7.53 22.79
C ALA D 24 1.14 6.88 21.46
N THR D 25 -0.09 7.11 21.09
CA THR D 25 -0.62 6.43 19.91
C THR D 25 -1.40 7.40 19.04
N PHE D 26 -2.03 8.41 19.64
CA PHE D 26 -2.78 9.44 18.92
C PHE D 26 -3.92 8.81 18.07
N VAL D 27 -4.59 9.64 17.25
CA VAL D 27 -5.57 9.14 16.24
C VAL D 27 -4.82 8.51 15.01
N PRO D 28 -5.11 7.23 14.73
CA PRO D 28 -4.39 6.54 13.67
C PRO D 28 -4.31 7.38 12.37
N TYR D 29 -3.10 7.59 11.89
CA TYR D 29 -2.80 8.27 10.63
C TYR D 29 -3.14 9.74 10.56
N MET D 30 -3.67 10.30 11.64
CA MET D 30 -3.84 11.72 11.65
C MET D 30 -2.50 12.42 11.35
N ASP D 31 -1.37 11.80 11.68
CA ASP D 31 -0.11 12.52 11.49
C ASP D 31 0.15 12.65 9.97
N SER D 32 -0.38 11.69 9.19
CA SER D 32 -0.28 11.73 7.74
C SER D 32 -1.12 12.86 7.21
N ALA D 33 -2.24 13.15 7.88
CA ALA D 33 -3.26 14.06 7.26
C ALA D 33 -3.13 15.43 7.74
N ALA D 34 -2.35 15.61 8.80
CA ALA D 34 -2.39 16.90 9.46
C ALA D 34 -1.98 18.09 8.57
N PRO D 35 -1.00 17.88 7.67
CA PRO D 35 -0.68 19.14 6.91
C PRO D 35 -1.84 19.49 5.94
N ALA D 36 -2.47 18.46 5.39
CA ALA D 36 -3.64 18.76 4.55
C ALA D 36 -4.76 19.43 5.40
N ALA D 37 -5.03 18.98 6.61
CA ALA D 37 -6.07 19.59 7.46
C ALA D 37 -5.67 21.01 7.88
N LEU D 38 -4.38 21.21 8.15
CA LEU D 38 -3.90 22.56 8.53
C LEU D 38 -4.10 23.63 7.42
N GLU D 39 -4.00 23.28 6.16
CA GLU D 39 -4.34 24.30 5.11
C GLU D 39 -5.79 24.82 5.24
N ARG D 40 -6.76 23.92 5.55
CA ARG D 40 -8.13 24.40 5.84
C ARG D 40 -8.21 25.16 7.18
N LEU D 41 -7.55 24.66 8.23
CA LEU D 41 -7.62 25.30 9.55
C LEU D 41 -7.11 26.76 9.49
N ARG D 42 -6.09 26.98 8.66
CA ARG D 42 -5.57 28.34 8.40
C ARG D 42 -6.26 29.20 7.29
N ALA D 43 -7.41 28.79 6.80
CA ALA D 43 -8.11 29.54 5.78
C ALA D 43 -8.61 30.89 6.32
N GLY D 44 -8.53 31.11 7.65
CA GLY D 44 -8.94 32.37 8.25
C GLY D 44 -10.23 32.38 9.06
N ASN D 45 -10.95 31.27 9.12
CA ASN D 45 -12.20 31.28 9.85
C ASN D 45 -12.01 31.05 11.38
N ILE D 46 -10.84 30.57 11.78
CA ILE D 46 -10.57 30.33 13.18
C ILE D 46 -9.91 31.56 13.74
N ARG D 47 -10.66 32.45 14.37
CA ARG D 47 -10.11 33.69 14.83
C ARG D 47 -11.03 34.20 15.91
N GLY D 48 -10.62 35.27 16.60
CA GLY D 48 -11.45 35.93 17.65
C GLY D 48 -11.69 34.99 18.84
N ASP D 49 -12.94 34.82 19.27
CA ASP D 49 -13.23 33.93 20.39
C ASP D 49 -13.67 32.56 19.89
N VAL D 50 -12.93 31.52 20.23
CA VAL D 50 -13.16 30.24 19.62
C VAL D 50 -13.52 29.17 20.66
N LEU D 51 -14.49 28.33 20.29
CA LEU D 51 -14.95 27.26 21.14
C LEU D 51 -14.39 25.94 20.57
N GLU D 52 -13.61 25.20 21.36
CA GLU D 52 -13.25 23.84 20.94
C GLU D 52 -13.98 22.77 21.71
N LEU D 53 -14.51 21.78 21.00
CA LEU D 53 -15.17 20.68 21.64
C LEU D 53 -14.33 19.41 21.60
N ALA D 54 -14.43 18.61 22.67
CA ALA D 54 -13.64 17.41 22.81
C ALA D 54 -12.17 17.68 22.56
N SER D 55 -11.60 18.64 23.28
CA SER D 55 -10.20 19.04 23.08
C SER D 55 -9.13 17.99 23.44
N GLY D 56 -9.48 17.00 24.28
CA GLY D 56 -8.56 15.85 24.56
C GLY D 56 -7.23 16.33 25.13
N THR D 57 -6.12 15.79 24.64
CA THR D 57 -4.85 16.20 25.19
C THR D 57 -4.39 17.54 24.63
N GLY D 58 -5.20 18.18 23.78
CA GLY D 58 -4.84 19.56 23.34
C GLY D 58 -4.02 19.64 22.05
N TYR D 59 -4.02 18.56 21.29
CA TYR D 59 -3.30 18.58 20.04
C TYR D 59 -3.81 19.70 19.09
N TRP D 60 -5.12 19.85 18.96
CA TRP D 60 -5.64 20.91 18.08
C TRP D 60 -5.69 22.23 18.85
N THR D 61 -5.82 22.13 20.16
CA THR D 61 -5.92 23.31 21.00
C THR D 61 -4.70 24.17 20.80
N ARG D 62 -3.53 23.55 20.65
CA ARG D 62 -2.29 24.34 20.46
C ARG D 62 -2.43 25.22 19.24
N HIS D 63 -2.90 24.62 18.13
CA HIS D 63 -3.11 25.40 16.89
C HIS D 63 -4.18 26.53 17.08
N LEU D 64 -5.30 26.21 17.74
CA LEU D 64 -6.34 27.18 17.83
C LEU D 64 -5.82 28.29 18.70
N SER D 65 -5.02 27.90 19.70
CA SER D 65 -4.47 28.88 20.63
C SER D 65 -3.64 29.96 19.91
N GLY D 66 -2.72 29.53 19.04
CA GLY D 66 -2.00 30.43 18.10
C GLY D 66 -2.91 31.22 17.13
N LEU D 67 -4.08 30.74 16.73
CA LEU D 67 -4.90 31.52 15.76
C LEU D 67 -5.90 32.43 16.41
N ALA D 68 -6.35 32.13 17.62
CA ALA D 68 -7.51 32.86 18.15
C ALA D 68 -7.07 33.88 19.16
N ASP D 69 -7.93 34.83 19.55
CA ASP D 69 -7.63 35.63 20.75
C ASP D 69 -7.85 34.80 22.04
N ARG D 70 -8.97 34.09 22.17
CA ARG D 70 -9.27 33.30 23.37
C ARG D 70 -9.88 32.00 22.93
N VAL D 71 -9.50 30.93 23.59
CA VAL D 71 -10.14 29.63 23.38
C VAL D 71 -10.81 29.14 24.64
N THR D 72 -12.07 28.76 24.50
CA THR D 72 -12.72 27.96 25.48
C THR D 72 -12.71 26.50 25.01
N ALA D 73 -12.11 25.62 25.79
CA ALA D 73 -12.02 24.24 25.36
C ALA D 73 -12.80 23.29 26.27
N LEU D 74 -13.71 22.50 25.72
CA LEU D 74 -14.60 21.64 26.52
C LEU D 74 -14.21 20.21 26.38
N ASP D 75 -14.10 19.46 27.47
CA ASP D 75 -13.97 18.00 27.28
C ASP D 75 -14.71 17.27 28.43
N GLY D 76 -15.18 16.04 28.18
CA GLY D 76 -15.84 15.28 29.23
C GLY D 76 -14.89 14.73 30.29
N SER D 77 -13.59 14.74 30.05
CA SER D 77 -12.64 14.05 30.91
C SER D 77 -11.67 15.03 31.58
N ALA D 78 -11.66 14.99 32.92
CA ALA D 78 -10.81 15.90 33.71
C ALA D 78 -9.37 15.50 33.55
N GLU D 79 -9.16 14.19 33.38
CA GLU D 79 -7.88 13.61 33.06
C GLU D 79 -7.31 14.17 31.72
N MET D 80 -8.17 14.27 30.68
CA MET D 80 -7.73 14.91 29.40
C MET D 80 -7.39 16.41 29.62
N ILE D 81 -8.23 17.10 30.39
CA ILE D 81 -7.97 18.48 30.64
C ILE D 81 -6.62 18.65 31.36
N ALA D 82 -6.29 17.73 32.25
CA ALA D 82 -5.05 17.92 33.01
C ALA D 82 -3.91 17.71 32.00
N GLU D 83 -4.04 16.74 31.09
CA GLU D 83 -2.99 16.52 30.04
C GLU D 83 -2.75 17.77 29.14
N ALA D 84 -3.85 18.38 28.70
CA ALA D 84 -3.79 19.55 27.86
C ALA D 84 -3.16 20.73 28.59
N GLY D 85 -3.26 20.75 29.93
CA GLY D 85 -2.61 21.80 30.78
C GLY D 85 -1.09 21.84 30.61
N ARG D 86 -0.48 20.69 30.42
CA ARG D 86 0.96 20.64 30.19
C ARG D 86 1.40 21.47 28.99
N HIS D 87 0.46 21.97 28.17
CA HIS D 87 0.89 22.78 27.00
C HIS D 87 1.14 24.25 27.42
N GLY D 88 0.58 24.64 28.55
CA GLY D 88 0.76 26.01 29.05
C GLY D 88 0.18 27.10 28.19
N LEU D 89 -0.96 26.82 27.56
CA LEU D 89 -1.52 27.79 26.64
C LEU D 89 -2.18 28.87 27.45
N ASP D 90 -1.51 30.02 27.47
CA ASP D 90 -1.95 31.28 28.07
C ASP D 90 -3.39 31.76 27.73
N ASN D 91 -3.90 31.54 26.51
CA ASN D 91 -5.23 32.10 26.16
C ASN D 91 -6.41 31.08 26.13
N VAL D 92 -6.23 29.95 26.81
CA VAL D 92 -7.20 28.91 26.74
C VAL D 92 -7.80 28.65 28.11
N GLU D 93 -9.11 28.54 28.15
CA GLU D 93 -9.74 28.11 29.34
C GLU D 93 -10.35 26.72 29.10
N PHE D 94 -10.01 25.76 29.95
CA PHE D 94 -10.64 24.44 29.86
C PHE D 94 -11.85 24.32 30.77
N ARG D 95 -12.90 23.64 30.34
CA ARG D 95 -13.99 23.35 31.24
C ARG D 95 -14.48 21.95 31.01
N GLN D 96 -14.91 21.29 32.08
CA GLN D 96 -15.35 19.91 31.94
C GLN D 96 -16.81 19.93 31.58
N GLN D 97 -17.21 19.17 30.54
CA GLN D 97 -18.57 19.23 30.05
C GLN D 97 -18.94 17.95 29.35
N ASP D 98 -20.06 17.35 29.76
CA ASP D 98 -20.57 16.19 29.07
C ASP D 98 -21.30 16.73 27.83
N LEU D 99 -20.85 16.36 26.62
CA LEU D 99 -21.34 17.03 25.41
C LEU D 99 -22.69 16.47 24.95
N PHE D 100 -23.07 15.35 25.49
CA PHE D 100 -24.41 14.90 25.28
C PHE D 100 -25.43 15.50 26.27
N ASP D 101 -25.02 16.42 27.12
CA ASP D 101 -25.97 17.06 28.00
C ASP D 101 -25.50 18.48 28.19
N TRP D 102 -25.58 19.26 27.12
CA TRP D 102 -24.90 20.52 27.05
C TRP D 102 -25.77 21.47 26.28
N THR D 103 -26.04 22.62 26.87
CA THR D 103 -26.76 23.71 26.19
C THR D 103 -25.94 24.99 26.51
N PRO D 104 -25.24 25.54 25.50
CA PRO D 104 -24.38 26.67 25.77
C PRO D 104 -25.20 27.85 26.27
N ASP D 105 -24.57 28.75 26.99
CA ASP D 105 -25.24 29.95 27.50
C ASP D 105 -24.76 31.18 26.73
N ARG D 106 -23.72 31.01 25.91
CA ARG D 106 -23.16 32.14 25.16
C ARG D 106 -22.78 31.67 23.72
N GLN D 107 -22.14 32.53 22.96
CA GLN D 107 -21.83 32.29 21.57
C GLN D 107 -20.36 32.68 21.34
N TRP D 108 -19.75 32.11 20.28
CA TRP D 108 -18.31 32.26 19.95
C TRP D 108 -18.18 32.52 18.43
N ASP D 109 -17.05 33.08 17.98
CA ASP D 109 -16.87 33.34 16.54
C ASP D 109 -16.66 32.07 15.73
N ALA D 110 -16.11 31.02 16.34
CA ALA D 110 -15.88 29.79 15.62
C ALA D 110 -15.96 28.62 16.58
N VAL D 111 -16.52 27.51 16.10
CA VAL D 111 -16.52 26.27 16.85
C VAL D 111 -15.74 25.24 16.08
N PHE D 112 -14.90 24.51 16.79
CA PHE D 112 -14.06 23.55 16.15
C PHE D 112 -14.05 22.27 16.97
N PHE D 113 -13.96 21.12 16.27
CA PHE D 113 -13.64 19.83 16.89
C PHE D 113 -12.98 18.93 15.89
N ALA D 114 -12.12 18.05 16.38
CA ALA D 114 -11.44 17.05 15.56
C ALA D 114 -11.74 15.67 16.07
N HIS D 115 -12.21 14.77 15.21
CA HIS D 115 -12.47 13.42 15.61
C HIS D 115 -13.47 13.20 16.72
N TRP D 116 -14.38 14.15 16.89
CA TRP D 116 -15.50 14.08 17.84
C TRP D 116 -16.81 13.51 17.15
N LEU D 117 -17.13 14.00 15.97
CA LEU D 117 -18.42 13.66 15.41
C LEU D 117 -18.58 12.14 15.20
N ALA D 118 -17.52 11.46 14.79
CA ALA D 118 -17.63 10.05 14.60
C ALA D 118 -18.02 9.34 15.92
N HIS D 119 -17.83 10.02 17.05
CA HIS D 119 -18.27 9.42 18.34
C HIS D 119 -19.69 9.79 18.75
N VAL D 120 -20.39 10.49 17.87
CA VAL D 120 -21.77 10.90 18.17
C VAL D 120 -22.66 10.01 17.37
N PRO D 121 -23.44 9.16 18.06
CA PRO D 121 -24.32 8.22 17.29
C PRO D 121 -25.52 8.95 16.70
N ASP D 122 -26.12 8.35 15.67
CA ASP D 122 -27.22 8.96 14.88
C ASP D 122 -28.36 9.46 15.71
N ASP D 123 -28.69 8.76 16.78
CA ASP D 123 -29.80 9.21 17.61
C ASP D 123 -29.45 10.44 18.49
N ARG D 124 -28.19 10.84 18.59
CA ARG D 124 -27.84 12.01 19.41
C ARG D 124 -27.38 13.16 18.52
N PHE D 125 -27.33 12.87 17.21
CA PHE D 125 -26.75 13.78 16.21
C PHE D 125 -27.45 15.12 16.20
N GLU D 126 -28.76 15.05 16.04
CA GLU D 126 -29.59 16.23 15.88
C GLU D 126 -29.50 17.16 17.10
N ALA D 127 -29.57 16.57 18.30
CA ALA D 127 -29.55 17.40 19.49
C ALA D 127 -28.17 18.05 19.69
N PHE D 128 -27.13 17.28 19.36
CA PHE D 128 -25.75 17.83 19.42
C PHE D 128 -25.61 19.04 18.44
N TRP D 129 -26.10 18.85 17.22
CA TRP D 129 -26.12 19.97 16.29
C TRP D 129 -27.02 21.14 16.68
N GLU D 130 -28.22 20.90 17.25
CA GLU D 130 -28.98 22.02 17.93
C GLU D 130 -28.14 22.81 18.94
N SER D 131 -27.42 22.10 19.83
CA SER D 131 -26.54 22.83 20.77
C SER D 131 -25.42 23.62 20.08
N VAL D 132 -24.70 22.96 19.17
CA VAL D 132 -23.70 23.67 18.38
C VAL D 132 -24.29 24.93 17.70
N ARG D 133 -25.43 24.78 17.05
CA ARG D 133 -26.00 25.94 16.34
C ARG D 133 -26.18 27.10 17.30
N SER D 134 -26.69 26.82 18.49
CA SER D 134 -26.95 27.93 19.40
C SER D 134 -25.67 28.55 19.94
N ALA D 135 -24.53 27.87 19.78
CA ALA D 135 -23.23 28.44 20.24
C ALA D 135 -22.50 29.28 19.17
N VAL D 136 -22.97 29.26 17.94
CA VAL D 136 -22.25 30.00 16.87
C VAL D 136 -22.76 31.44 16.82
N ALA D 137 -21.88 32.44 16.94
CA ALA D 137 -22.30 33.84 16.76
C ALA D 137 -22.69 34.14 15.32
N PRO D 138 -23.40 35.28 15.12
CA PRO D 138 -23.71 35.78 13.77
C PRO D 138 -22.42 35.93 12.94
N GLY D 139 -22.45 35.42 11.73
CA GLY D 139 -21.21 35.42 10.92
C GLY D 139 -20.17 34.34 11.27
N GLY D 140 -20.45 33.44 12.21
CA GLY D 140 -19.38 32.49 12.61
C GLY D 140 -19.50 31.18 11.81
N VAL D 141 -18.55 30.27 11.99
CA VAL D 141 -18.67 29.01 11.33
C VAL D 141 -18.35 27.92 12.31
N VAL D 142 -18.75 26.71 11.93
CA VAL D 142 -18.28 25.53 12.58
C VAL D 142 -17.32 24.81 11.59
N GLU D 143 -16.12 24.41 12.05
CA GLU D 143 -15.22 23.60 11.28
C GLU D 143 -14.87 22.32 12.07
N PHE D 144 -14.61 21.23 11.37
CA PHE D 144 -14.26 20.02 12.03
C PHE D 144 -13.52 19.06 11.11
N VAL D 145 -12.76 18.18 11.75
CA VAL D 145 -11.94 17.23 11.06
C VAL D 145 -12.42 15.89 11.51
N ASP D 146 -12.41 14.90 10.63
CA ASP D 146 -12.80 13.59 11.10
C ASP D 146 -12.35 12.52 10.16
N VAL D 147 -12.65 11.25 10.45
CA VAL D 147 -12.41 10.16 9.52
C VAL D 147 -13.45 10.20 8.39
N THR D 148 -13.22 9.55 7.27
CA THR D 148 -14.30 9.42 6.30
C THR D 148 -14.13 8.19 5.43
N ASP D 149 -15.11 7.91 4.62
CA ASP D 149 -15.05 6.81 3.64
C ASP D 149 -15.32 7.41 2.24
N HIS D 150 -14.94 6.68 1.19
CA HIS D 150 -15.40 7.06 -0.14
C HIS D 150 -16.94 6.98 -0.21
N GLU D 151 -17.52 7.79 -1.08
CA GLU D 151 -18.97 7.98 -1.20
C GLU D 151 -19.75 6.69 -1.41
N ARG D 152 -19.14 5.71 -2.08
CA ARG D 152 -19.85 4.50 -2.44
C ARG D 152 -19.84 3.37 -1.41
N ARG D 153 -19.00 3.49 -0.38
CA ARG D 153 -18.85 2.31 0.45
C ARG D 153 -20.17 1.88 1.13
N LEU D 154 -20.91 2.85 1.68
CA LEU D 154 -22.19 2.60 2.37
C LEU D 154 -23.12 1.72 1.51
N GLU D 155 -23.37 2.09 0.26
CA GLU D 155 -24.22 1.28 -0.59
C GLU D 155 -23.55 -0.06 -0.94
N GLN D 156 -22.20 -0.13 -1.00
CA GLN D 156 -21.57 -1.42 -1.35
C GLN D 156 -21.86 -2.41 -0.20
N GLN D 157 -21.80 -1.85 0.99
CA GLN D 157 -22.01 -2.63 2.21
C GLN D 157 -23.50 -3.00 2.36
N ASP D 158 -24.36 -1.99 2.19
CA ASP D 158 -25.82 -2.11 2.15
C ASP D 158 -26.37 -2.80 3.43
N ASP D 159 -26.17 -2.15 4.58
CA ASP D 159 -26.49 -2.71 5.87
C ASP D 159 -27.66 -1.90 6.43
N SER D 160 -28.80 -2.54 6.62
CA SER D 160 -30.00 -1.98 7.31
C SER D 160 -29.78 -1.53 8.71
N GLU D 161 -28.97 -2.24 9.48
CA GLU D 161 -28.87 -1.92 10.93
C GLU D 161 -27.41 -1.80 11.33
N PRO D 162 -26.78 -0.67 10.93
CA PRO D 162 -25.34 -0.53 11.14
C PRO D 162 -25.03 -0.62 12.65
N GLU D 163 -24.22 -1.59 13.06
CA GLU D 163 -23.65 -1.62 14.41
C GLU D 163 -22.60 -0.54 14.39
N VAL D 164 -22.74 0.40 15.28
CA VAL D 164 -21.88 1.54 15.30
C VAL D 164 -20.75 1.38 16.35
N ALA D 165 -20.75 0.26 17.08
CA ALA D 165 -19.84 0.10 18.22
C ALA D 165 -18.51 -0.58 17.87
N VAL D 166 -17.42 -0.21 18.54
CA VAL D 166 -16.22 -0.96 18.32
C VAL D 166 -15.61 -1.17 19.66
N ARG D 167 -14.82 -2.24 19.79
CA ARG D 167 -14.18 -2.55 21.08
C ARG D 167 -12.70 -2.15 21.05
N ARG D 168 -12.27 -1.39 22.06
CA ARG D 168 -10.86 -1.04 22.20
C ARG D 168 -10.38 -1.68 23.48
N THR D 169 -9.10 -2.00 23.53
CA THR D 169 -8.47 -2.59 24.72
C THR D 169 -7.21 -1.78 25.02
N LEU D 170 -7.02 -1.38 26.27
CA LEU D 170 -5.92 -0.52 26.64
C LEU D 170 -4.72 -1.38 26.98
N GLN D 171 -3.53 -0.79 27.10
CA GLN D 171 -2.35 -1.56 27.57
C GLN D 171 -2.73 -2.46 28.75
N ASP D 172 -3.14 -1.84 29.86
CA ASP D 172 -3.43 -2.62 31.07
C ASP D 172 -4.47 -3.72 30.92
N GLY D 173 -4.98 -3.98 29.73
CA GLY D 173 -6.01 -5.03 29.56
C GLY D 173 -7.48 -4.64 29.74
N ARG D 174 -7.78 -3.43 30.20
CA ARG D 174 -9.20 -3.06 30.37
C ARG D 174 -9.78 -2.77 29.00
N SER D 175 -10.98 -3.27 28.75
CA SER D 175 -11.61 -3.24 27.45
C SER D 175 -12.87 -2.35 27.45
N PHE D 176 -13.14 -1.61 26.36
CA PHE D 176 -14.27 -0.69 26.33
C PHE D 176 -14.95 -0.75 24.97
N ARG D 177 -16.26 -0.52 24.94
CA ARG D 177 -17.01 -0.25 23.66
C ARG D 177 -17.13 1.26 23.47
N ILE D 178 -16.92 1.72 22.23
CA ILE D 178 -17.07 3.13 21.89
C ILE D 178 -17.90 3.26 20.62
N VAL D 179 -18.36 4.49 20.36
CA VAL D 179 -19.08 4.76 19.13
C VAL D 179 -18.04 5.08 18.01
N LYS D 180 -18.26 4.56 16.80
CA LYS D 180 -17.37 4.89 15.68
C LYS D 180 -18.15 4.82 14.41
N VAL D 181 -18.69 5.95 14.00
CA VAL D 181 -19.53 6.05 12.83
C VAL D 181 -18.76 6.84 11.70
N PHE D 182 -18.38 6.12 10.65
CA PHE D 182 -17.76 6.74 9.50
C PHE D 182 -18.82 7.41 8.62
N ARG D 183 -18.66 8.67 8.30
CA ARG D 183 -19.63 9.35 7.41
C ARG D 183 -18.88 10.05 6.23
N SER D 184 -19.35 9.78 5.01
CA SER D 184 -18.74 10.31 3.79
C SER D 184 -19.09 11.80 3.76
N PRO D 185 -18.32 12.62 3.00
CA PRO D 185 -18.67 14.06 2.81
C PRO D 185 -20.11 14.33 2.32
N ALA D 186 -20.58 13.56 1.32
CA ALA D 186 -21.93 13.81 0.73
C ALA D 186 -23.00 13.51 1.79
N GLU D 187 -22.84 12.39 2.46
CA GLU D 187 -23.76 11.96 3.49
C GLU D 187 -23.89 12.97 4.63
N LEU D 188 -22.75 13.47 5.08
CA LEU D 188 -22.72 14.50 6.08
C LEU D 188 -23.34 15.82 5.52
N THR D 189 -22.95 16.21 4.29
CA THR D 189 -23.59 17.34 3.62
C THR D 189 -25.16 17.26 3.57
N GLU D 190 -25.69 16.13 3.17
CA GLU D 190 -27.13 15.96 3.05
C GLU D 190 -27.72 16.01 4.47
N ARG D 191 -27.14 15.29 5.42
CA ARG D 191 -27.72 15.35 6.76
C ARG D 191 -27.67 16.74 7.40
N LEU D 192 -26.60 17.49 7.23
CA LEU D 192 -26.57 18.82 7.87
C LEU D 192 -27.40 19.85 7.12
N THR D 193 -27.49 19.73 5.81
CA THR D 193 -28.31 20.66 5.02
C THR D 193 -29.75 20.50 5.51
N ALA D 194 -30.20 19.26 5.66
CA ALA D 194 -31.56 19.06 6.13
C ALA D 194 -31.80 19.72 7.51
N LEU D 195 -30.74 20.03 8.26
CA LEU D 195 -30.94 20.66 9.57
C LEU D 195 -30.65 22.14 9.47
N GLY D 196 -30.68 22.69 8.26
CA GLY D 196 -30.48 24.12 8.07
C GLY D 196 -29.03 24.60 7.87
N TRP D 197 -28.03 23.69 7.80
CA TRP D 197 -26.62 24.15 7.72
C TRP D 197 -26.27 24.24 6.26
N SER D 198 -25.38 25.13 5.91
CA SER D 198 -24.93 25.08 4.55
C SER D 198 -23.39 24.72 4.59
N CYS D 199 -23.01 23.63 3.93
CA CYS D 199 -21.73 22.94 4.29
C CYS D 199 -20.77 22.68 3.14
N SER D 200 -19.49 22.97 3.38
CA SER D 200 -18.42 22.50 2.52
C SER D 200 -17.59 21.44 3.18
N VAL D 201 -17.83 20.20 2.79
CA VAL D 201 -17.15 19.04 3.38
C VAL D 201 -16.28 18.33 2.33
N ASP D 202 -14.98 18.16 2.59
CA ASP D 202 -14.13 17.60 1.57
C ASP D 202 -13.21 16.56 2.15
N GLU D 203 -12.97 15.50 1.37
CA GLU D 203 -11.89 14.59 1.72
C GLU D 203 -10.57 15.32 1.45
N VAL D 204 -9.80 15.65 2.47
CA VAL D 204 -8.55 16.38 2.26
C VAL D 204 -7.30 15.52 2.24
N HIS D 205 -7.40 14.29 2.69
CA HIS D 205 -6.30 13.33 2.62
C HIS D 205 -7.06 12.00 2.68
N PRO D 206 -6.54 10.93 2.08
CA PRO D 206 -7.41 9.73 2.06
C PRO D 206 -7.79 9.29 3.47
N GLY D 207 -9.08 8.98 3.73
CA GLY D 207 -9.53 8.58 5.10
C GLY D 207 -9.86 9.75 6.03
N PHE D 208 -9.67 10.99 5.54
CA PHE D 208 -9.97 12.18 6.39
C PHE D 208 -10.77 13.28 5.71
N LEU D 209 -11.65 13.91 6.48
CA LEU D 209 -12.37 15.01 5.87
C LEU D 209 -12.17 16.24 6.71
N TYR D 210 -12.44 17.39 6.12
CA TYR D 210 -12.48 18.64 6.85
C TYR D 210 -13.79 19.30 6.43
N ALA D 211 -14.50 19.87 7.40
CA ALA D 211 -15.75 20.55 7.10
C ALA D 211 -15.80 22.00 7.57
N THR D 212 -16.49 22.80 6.79
CA THR D 212 -16.90 24.16 7.17
C THR D 212 -18.44 24.31 7.02
N CYS D 213 -19.07 24.67 8.14
CA CYS D 213 -20.51 24.69 8.20
C CYS D 213 -20.97 26.04 8.76
N ARG D 214 -21.97 26.60 8.11
CA ARG D 214 -22.51 27.93 8.46
C ARG D 214 -23.99 27.71 8.84
N PRO D 215 -24.36 28.16 10.06
CA PRO D 215 -25.66 27.86 10.74
C PRO D 215 -26.82 28.34 9.90
#